data_9CR9
#
_entry.id   9CR9
#
_cell.length_a   46.600
_cell.length_b   61.050
_cell.length_c   152.999
_cell.angle_alpha   90.00
_cell.angle_beta   90.00
_cell.angle_gamma   90.00
#
_symmetry.space_group_name_H-M   'P 1 21 1'
#
loop_
_entity.id
_entity.type
_entity.pdbx_description
1 polymer 'MA6 Fab heavy chain'
2 polymer 'MA6 Fab light chain'
3 polymer 'Circumsporozoite protein (NPNA)3 repeat region peptide'
4 water water
#
loop_
_entity_poly.entity_id
_entity_poly.type
_entity_poly.pdbx_seq_one_letter_code
_entity_poly.pdbx_strand_id
1 'polypeptide(L)'
;QVQLVESGGGVVQPGRSLRLSCAASGFTFSSYGIHWVRQAPGKGLEWVALIWYDGSNKYYADSVKGRFTISRDNSKNTLY
LQMNSLRAEDTAVYYCARDGGHSTSWSNAFDIWGQGTMVTVSSASTKGPSVFPLAPSSKSTSGGTAALGCLVKDYFPEPV
TVSWNSGALTSGVHTFPAVLQSSGLYSLSSVVTVPSSSLGTQTYICNVNHKPSNTKVDKKVEPKSCDKGLEVLFQ
;
A,H
2 'polypeptide(L)'
;DIQVTQSPSTLSASVGDRVTITCRASQSISSWLAWYQQKPGKAPKLLIYKASSLESGVPSRFSGSGSGTEFTLTISSLQP
DDFATYYCQQYNSYWTFGQGTKVEIKRTVAAPSVFIFPPSDEQLKSGTASVVCLLNNFYPREAKVQWKVDNALQSGNSQE
SVTEQDSKDSTYSLSSTLTLSKADYEKHKVYACEVTHQGLSSPVTKSFNRGEC
;
B,L
3 'polypeptide(L)' NPNANPNANPNA C,P
#
# COMPACT_ATOMS: atom_id res chain seq x y z
N GLN A 1 -49.90 13.73 -4.22
CA GLN A 1 -48.90 12.68 -4.12
C GLN A 1 -48.23 12.71 -2.76
N VAL A 2 -47.88 11.54 -2.23
CA VAL A 2 -47.15 11.45 -0.97
C VAL A 2 -45.81 12.16 -1.11
N GLN A 3 -45.45 12.96 -0.11
CA GLN A 3 -44.20 13.67 -0.18
C GLN A 3 -43.75 14.09 1.22
N LEU A 4 -42.44 14.02 1.44
CA LEU A 4 -41.80 14.46 2.67
C LEU A 4 -40.76 15.51 2.31
N VAL A 5 -40.75 16.63 3.02
CA VAL A 5 -39.89 17.75 2.67
C VAL A 5 -39.16 18.22 3.92
N GLU A 6 -37.85 17.99 3.97
CA GLU A 6 -37.03 18.45 5.07
C GLU A 6 -36.59 19.90 4.85
N SER A 7 -36.48 20.62 5.96
CA SER A 7 -36.00 22.00 5.91
C SER A 7 -35.16 22.26 7.16
N GLY A 8 -34.36 23.31 7.10
CA GLY A 8 -33.59 23.79 8.23
C GLY A 8 -32.11 23.63 8.07
N GLY A 9 -31.67 22.84 7.09
CA GLY A 9 -30.24 22.59 6.95
C GLY A 9 -29.50 23.86 6.58
N GLY A 10 -28.27 23.97 7.08
CA GLY A 10 -27.43 25.14 6.76
C GLY A 10 -26.14 25.08 7.54
N VAL A 11 -25.32 26.12 7.41
CA VAL A 11 -24.04 26.16 8.17
C VAL A 11 -24.39 26.56 9.60
N VAL A 12 -23.92 25.78 10.57
CA VAL A 12 -24.16 26.05 12.02
C VAL A 12 -22.83 25.76 12.72
N GLN A 13 -22.46 26.59 13.69
CA GLN A 13 -21.17 26.44 14.32
C GLN A 13 -21.19 25.30 15.33
N PRO A 14 -20.04 24.66 15.58
CA PRO A 14 -19.99 23.61 16.60
C PRO A 14 -20.40 24.13 17.97
N GLY A 15 -21.08 23.27 18.73
CA GLY A 15 -21.58 23.63 20.04
C GLY A 15 -22.91 24.35 20.04
N ARG A 16 -23.40 24.76 18.88
CA ARG A 16 -24.65 25.49 18.82
C ARG A 16 -25.82 24.55 18.55
N SER A 17 -27.01 25.12 18.38
CA SER A 17 -28.25 24.37 18.25
C SER A 17 -28.92 24.66 16.91
N LEU A 18 -29.72 23.70 16.44
CA LEU A 18 -30.42 23.84 15.18
C LEU A 18 -31.64 22.93 15.19
N ARG A 19 -32.77 23.45 14.74
CA ARG A 19 -34.03 22.72 14.71
C ARG A 19 -34.40 22.40 13.27
N LEU A 20 -34.23 21.14 12.86
CA LEU A 20 -34.71 20.72 11.55
C LEU A 20 -36.20 20.41 11.61
N SER A 21 -36.84 20.46 10.45
CA SER A 21 -38.24 20.07 10.39
C SER A 21 -38.51 19.29 9.11
N CYS A 22 -39.61 18.55 9.11
CA CYS A 22 -39.99 17.72 7.96
C CYS A 22 -41.49 17.82 7.80
N ALA A 23 -41.93 18.38 6.68
CA ALA A 23 -43.34 18.61 6.41
C ALA A 23 -43.87 17.54 5.44
N ALA A 24 -44.99 16.92 5.80
CA ALA A 24 -45.57 15.84 5.03
C ALA A 24 -46.87 16.29 4.37
N SER A 25 -47.13 15.74 3.19
CA SER A 25 -48.42 15.94 2.54
C SER A 25 -48.74 14.72 1.68
N GLY A 26 -50.03 14.57 1.36
CA GLY A 26 -50.48 13.49 0.49
C GLY A 26 -50.82 12.20 1.20
N PHE A 27 -50.75 12.17 2.53
CA PHE A 27 -51.10 10.99 3.31
C PHE A 27 -51.41 11.44 4.72
N THR A 28 -52.00 10.53 5.50
CA THR A 28 -52.40 10.85 6.88
C THR A 28 -51.17 10.77 7.77
N PHE A 29 -50.47 11.91 7.88
CA PHE A 29 -49.22 11.98 8.62
C PHE A 29 -49.39 11.51 10.07
N SER A 30 -50.48 11.89 10.71
CA SER A 30 -50.73 11.55 12.10
C SER A 30 -50.94 10.04 12.31
N SER A 31 -50.97 9.24 11.26
CA SER A 31 -51.12 7.80 11.43
C SER A 31 -49.80 7.05 11.41
N TYR A 32 -48.69 7.71 11.07
CA TYR A 32 -47.43 7.04 10.81
C TYR A 32 -46.34 7.46 11.79
N GLY A 33 -45.59 6.48 12.30
CA GLY A 33 -44.31 6.79 12.89
C GLY A 33 -43.31 7.20 11.82
N ILE A 34 -42.39 8.10 12.19
CA ILE A 34 -41.45 8.69 11.26
C ILE A 34 -40.05 8.64 11.86
N HIS A 35 -39.06 8.37 11.02
CA HIS A 35 -37.66 8.33 11.42
C HIS A 35 -36.90 9.55 10.87
N TRP A 36 -35.81 9.88 11.57
CA TRP A 36 -34.73 10.67 10.99
C TRP A 36 -33.56 9.74 10.68
N VAL A 37 -32.98 9.89 9.49
CA VAL A 37 -31.81 9.14 9.06
C VAL A 37 -30.83 10.14 8.47
N ARG A 38 -29.54 9.94 8.72
CA ARG A 38 -28.54 10.87 8.19
C ARG A 38 -27.43 10.11 7.48
N GLN A 39 -26.74 10.84 6.61
CA GLN A 39 -25.65 10.30 5.79
C GLN A 39 -24.54 11.34 5.74
N ALA A 40 -23.43 11.07 6.42
CA ALA A 40 -22.30 11.98 6.37
C ALA A 40 -21.67 11.96 4.99
N PRO A 41 -20.99 13.04 4.59
CA PRO A 41 -20.35 13.06 3.26
C PRO A 41 -19.46 11.86 3.02
N GLY A 42 -19.75 11.10 1.96
CA GLY A 42 -18.94 9.95 1.59
C GLY A 42 -19.21 8.68 2.38
N LYS A 43 -20.11 8.71 3.35
CA LYS A 43 -20.33 7.59 4.26
C LYS A 43 -21.69 6.96 4.00
N GLY A 44 -22.03 5.96 4.82
CA GLY A 44 -23.28 5.26 4.69
C GLY A 44 -24.42 5.87 5.47
N LEU A 45 -25.55 5.19 5.46
CA LEU A 45 -26.75 5.66 6.12
C LEU A 45 -26.68 5.31 7.61
N GLU A 46 -27.09 6.27 8.44
CA GLU A 46 -27.08 6.06 9.90
C GLU A 46 -28.45 6.46 10.46
N TRP A 47 -29.17 5.50 11.04
CA TRP A 47 -30.48 5.80 11.66
C TRP A 47 -30.23 6.75 12.84
N VAL A 48 -31.08 7.75 13.02
CA VAL A 48 -30.88 8.77 14.10
C VAL A 48 -31.97 8.65 15.17
N ALA A 49 -33.24 8.63 14.79
CA ALA A 49 -34.30 8.63 15.79
C ALA A 49 -35.62 8.23 15.17
N LEU A 50 -36.52 7.70 16.01
CA LEU A 50 -37.89 7.37 15.67
C LEU A 50 -38.84 8.05 16.63
N ILE A 51 -39.95 8.52 16.09
CA ILE A 51 -41.02 8.98 17.00
C ILE A 51 -42.23 8.17 16.55
N TRP A 52 -43.13 7.82 17.48
CA TRP A 52 -44.41 7.13 17.15
C TRP A 52 -45.37 8.12 16.49
N TYR A 53 -46.51 7.61 15.95
CA TYR A 53 -47.50 8.39 15.21
C TYR A 53 -48.10 9.51 16.07
N ASP A 54 -48.20 9.34 17.39
CA ASP A 54 -48.88 10.32 18.28
C ASP A 54 -47.84 11.07 19.10
N GLY A 55 -46.55 10.90 18.76
CA GLY A 55 -45.45 11.58 19.47
C GLY A 55 -45.18 10.99 20.83
N SER A 56 -45.61 9.75 21.08
CA SER A 56 -45.40 9.17 22.43
C SER A 56 -44.02 8.49 22.55
N ASN A 57 -43.85 7.31 21.96
CA ASN A 57 -42.56 6.59 22.10
C ASN A 57 -41.51 7.22 21.18
N LYS A 58 -40.32 7.47 21.74
CA LYS A 58 -39.19 8.09 21.01
C LYS A 58 -37.94 7.25 21.23
N TYR A 59 -37.24 6.92 20.14
CA TYR A 59 -36.00 6.11 20.23
C TYR A 59 -34.86 6.88 19.56
N TYR A 60 -33.64 6.76 20.10
CA TYR A 60 -32.49 7.48 19.57
C TYR A 60 -31.32 6.54 19.40
N ALA A 61 -30.47 6.89 18.43
CA ALA A 61 -29.18 6.23 18.33
C ALA A 61 -28.25 6.71 19.42
N ASP A 62 -27.36 5.82 19.88
CA ASP A 62 -26.42 6.18 20.93
C ASP A 62 -25.56 7.38 20.56
N SER A 63 -25.31 7.58 19.25
CA SER A 63 -24.46 8.68 18.82
C SER A 63 -25.11 10.05 19.01
N VAL A 64 -26.43 10.10 19.17
CA VAL A 64 -27.14 11.37 19.29
C VAL A 64 -27.92 11.49 20.59
N LYS A 65 -27.97 10.44 21.40
CA LYS A 65 -28.78 10.46 22.62
C LYS A 65 -28.32 11.57 23.57
N GLY A 66 -29.29 12.28 24.13
CA GLY A 66 -29.02 13.37 25.05
C GLY A 66 -28.72 14.70 24.39
N ARG A 67 -28.36 14.71 23.11
CA ARG A 67 -28.15 15.95 22.37
C ARG A 67 -29.28 16.25 21.39
N PHE A 68 -29.90 15.24 20.81
CA PHE A 68 -30.95 15.41 19.82
C PHE A 68 -32.29 15.07 20.44
N THR A 69 -33.33 15.81 20.06
CA THR A 69 -34.68 15.59 20.56
C THR A 69 -35.62 15.56 19.38
N ILE A 70 -36.37 14.46 19.25
CA ILE A 70 -37.34 14.30 18.18
C ILE A 70 -38.72 14.69 18.72
N SER A 71 -39.53 15.32 17.87
CA SER A 71 -40.87 15.71 18.27
C SER A 71 -41.71 15.88 17.01
N ARG A 72 -43.02 16.05 17.20
CA ARG A 72 -43.89 16.24 16.06
C ARG A 72 -45.09 17.10 16.44
N ASP A 73 -45.63 17.78 15.44
CA ASP A 73 -46.86 18.57 15.59
C ASP A 73 -47.81 18.11 14.50
N ASN A 74 -48.71 17.17 14.83
CA ASN A 74 -49.58 16.61 13.81
C ASN A 74 -50.52 17.63 13.22
N SER A 75 -50.92 18.64 14.02
CA SER A 75 -51.77 19.70 13.50
C SER A 75 -51.11 20.47 12.35
N LYS A 76 -49.78 20.44 12.26
CA LYS A 76 -49.04 21.07 11.17
C LYS A 76 -48.42 20.05 10.23
N ASN A 77 -48.73 18.76 10.42
CA ASN A 77 -48.16 17.69 9.59
C ASN A 77 -46.64 17.76 9.56
N THR A 78 -46.03 18.12 10.67
CA THR A 78 -44.61 18.40 10.67
C THR A 78 -43.90 17.62 11.77
N LEU A 79 -42.70 17.15 11.45
CA LEU A 79 -41.78 16.46 12.33
C LEU A 79 -40.58 17.37 12.59
N TYR A 80 -40.01 17.28 13.79
CA TYR A 80 -38.85 18.11 14.13
C TYR A 80 -37.72 17.25 14.67
N LEU A 81 -36.51 17.81 14.57
CA LEU A 81 -35.32 17.24 15.20
C LEU A 81 -34.52 18.40 15.75
N GLN A 82 -34.58 18.60 17.06
CA GLN A 82 -33.79 19.63 17.71
C GLN A 82 -32.42 19.06 18.03
N MET A 83 -31.38 19.67 17.45
CA MET A 83 -30.00 19.23 17.63
C MET A 83 -29.28 20.25 18.49
N ASN A 84 -28.76 19.80 19.63
CA ASN A 84 -28.02 20.65 20.55
C ASN A 84 -26.57 20.19 20.64
N SER A 85 -25.70 21.12 21.02
CA SER A 85 -24.26 20.87 21.16
C SER A 85 -23.70 20.13 19.95
N LEU A 86 -23.94 20.72 18.77
CA LEU A 86 -23.55 20.07 17.52
C LEU A 86 -22.04 19.86 17.46
N ARG A 87 -21.63 18.68 17.00
CA ARG A 87 -20.22 18.41 16.77
C ARG A 87 -19.97 18.36 15.27
N ALA A 88 -18.70 18.48 14.91
CA ALA A 88 -18.33 18.46 13.50
C ALA A 88 -18.83 17.21 12.80
N GLU A 89 -18.80 16.07 13.50
CA GLU A 89 -19.22 14.80 12.92
C GLU A 89 -20.74 14.70 12.74
N ASP A 90 -21.51 15.69 13.19
CA ASP A 90 -22.93 15.73 12.85
C ASP A 90 -23.18 16.27 11.45
N THR A 91 -22.14 16.75 10.76
CA THR A 91 -22.28 17.20 9.38
C THR A 91 -22.79 16.05 8.52
N ALA A 92 -23.95 16.24 7.90
CA ALA A 92 -24.60 15.17 7.15
C ALA A 92 -25.83 15.72 6.44
N VAL A 93 -26.29 14.98 5.43
CA VAL A 93 -27.64 15.14 4.92
C VAL A 93 -28.59 14.39 5.84
N TYR A 94 -29.64 15.08 6.29
CA TYR A 94 -30.64 14.50 7.18
C TYR A 94 -31.92 14.22 6.39
N TYR A 95 -32.41 12.98 6.50
CA TYR A 95 -33.64 12.53 5.87
C TYR A 95 -34.71 12.25 6.92
N CYS A 96 -35.95 12.58 6.61
CA CYS A 96 -37.07 11.94 7.29
C CYS A 96 -37.58 10.80 6.41
N ALA A 97 -38.01 9.73 7.08
CA ALA A 97 -38.38 8.49 6.40
C ALA A 97 -39.52 7.87 7.17
N ARG A 98 -40.56 7.47 6.45
CA ARG A 98 -41.79 6.96 7.03
C ARG A 98 -41.71 5.46 7.27
N ASP A 99 -42.25 5.01 8.40
CA ASP A 99 -42.50 3.57 8.55
C ASP A 99 -43.43 3.10 7.44
N GLY A 100 -43.04 2.03 6.76
CA GLY A 100 -43.80 1.60 5.59
C GLY A 100 -45.17 1.03 5.91
N GLY A 101 -45.39 0.55 7.12
CA GLY A 101 -46.69 0.03 7.48
C GLY A 101 -47.10 -1.24 6.76
N HIS A 102 -46.14 -1.98 6.20
CA HIS A 102 -46.46 -3.25 5.54
C HIS A 102 -47.13 -4.22 6.52
N SER A 103 -46.63 -4.24 7.76
CA SER A 103 -47.19 -5.14 8.81
C SER A 103 -47.57 -4.32 10.05
N THR A 104 -48.71 -4.66 10.67
CA THR A 104 -49.16 -3.94 11.88
C THR A 104 -48.56 -4.57 13.15
N SER A 105 -47.92 -5.74 13.03
CA SER A 105 -47.41 -6.41 14.22
C SER A 105 -45.92 -6.20 14.43
N TRP A 106 -45.29 -5.36 13.61
CA TRP A 106 -43.87 -5.03 13.76
C TRP A 106 -43.65 -3.71 13.05
N SER A 107 -42.53 -3.06 13.40
CA SER A 107 -42.09 -1.93 12.61
C SER A 107 -41.67 -2.41 11.22
N ASN A 108 -41.50 -1.46 10.30
CA ASN A 108 -41.38 -1.80 8.89
C ASN A 108 -40.18 -1.10 8.27
N ALA A 109 -39.83 -1.55 7.06
CA ALA A 109 -38.85 -0.85 6.25
C ALA A 109 -39.38 0.54 5.89
N PHE A 110 -38.46 1.41 5.50
CA PHE A 110 -38.75 2.84 5.33
C PHE A 110 -39.13 3.07 3.86
N ASP A 111 -40.42 3.24 3.59
CA ASP A 111 -40.92 3.30 2.19
C ASP A 111 -40.82 4.70 1.55
N ILE A 112 -41.14 5.76 2.31
CA ILE A 112 -41.19 7.11 1.77
C ILE A 112 -40.06 7.91 2.39
N TRP A 113 -39.19 8.45 1.55
CA TRP A 113 -38.09 9.30 2.01
C TRP A 113 -38.23 10.70 1.43
N GLY A 114 -37.80 11.69 2.21
CA GLY A 114 -37.65 13.03 1.69
C GLY A 114 -36.36 13.18 0.90
N GLN A 115 -36.18 14.37 0.34
CA GLN A 115 -35.00 14.66 -0.46
C GLN A 115 -33.75 14.92 0.39
N GLY A 116 -33.92 15.24 1.66
CA GLY A 116 -32.81 15.48 2.55
C GLY A 116 -32.51 16.96 2.72
N THR A 117 -31.95 17.31 3.88
CA THR A 117 -31.48 18.67 4.14
C THR A 117 -30.05 18.58 4.68
N MET A 118 -29.15 19.41 4.14
CA MET A 118 -27.73 19.31 4.45
C MET A 118 -27.38 20.22 5.62
N VAL A 119 -26.82 19.62 6.65
CA VAL A 119 -26.37 20.37 7.86
C VAL A 119 -24.84 20.37 7.84
N THR A 120 -24.23 21.56 7.75
CA THR A 120 -22.75 21.62 7.76
C THR A 120 -22.33 22.23 9.09
N VAL A 121 -21.66 21.43 9.93
CA VAL A 121 -21.22 21.95 11.26
C VAL A 121 -19.80 22.50 11.08
N SER A 122 -19.69 23.83 11.00
CA SER A 122 -18.36 24.46 10.78
C SER A 122 -18.34 25.88 11.33
N SER A 123 -17.18 26.32 11.81
CA SER A 123 -17.02 27.71 12.31
C SER A 123 -16.38 28.57 11.20
N ALA A 124 -16.21 27.99 10.02
CA ALA A 124 -15.57 28.70 8.88
C ALA A 124 -16.42 29.91 8.45
N SER A 125 -15.74 31.02 8.13
CA SER A 125 -16.40 32.25 7.65
C SER A 125 -16.66 32.14 6.15
N THR A 126 -17.64 32.88 5.62
CA THR A 126 -17.91 32.81 4.17
C THR A 126 -16.73 33.43 3.44
N LYS A 127 -16.16 32.71 2.48
CA LYS A 127 -15.01 33.27 1.73
C LYS A 127 -15.11 32.86 0.26
N GLY A 128 -15.01 33.84 -0.65
CA GLY A 128 -14.97 33.57 -2.10
C GLY A 128 -13.59 33.00 -2.37
N PRO A 129 -13.28 31.98 -3.42
CA PRO A 129 -12.07 31.22 -3.74
C PRO A 129 -10.99 32.05 -4.43
N SER A 130 -9.74 31.66 -4.19
CA SER A 130 -8.63 32.05 -5.03
C SER A 130 -8.54 31.07 -6.20
N VAL A 131 -8.33 31.60 -7.39
CA VAL A 131 -8.28 30.80 -8.61
C VAL A 131 -6.88 30.86 -9.18
N PHE A 132 -6.21 29.72 -9.20
CA PHE A 132 -4.83 29.65 -9.69
C PHE A 132 -4.75 28.78 -10.94
N PRO A 133 -3.92 29.15 -11.91
CA PRO A 133 -3.82 28.33 -13.13
C PRO A 133 -3.06 27.04 -12.86
N LEU A 134 -3.48 25.99 -13.55
CA LEU A 134 -2.71 24.76 -13.71
C LEU A 134 -2.25 24.78 -15.16
N ALA A 135 -1.07 25.37 -15.38
CA ALA A 135 -0.64 25.66 -16.75
C ALA A 135 -0.26 24.38 -17.47
N PRO A 136 -0.52 24.30 -18.78
CA PRO A 136 -0.13 23.15 -19.61
C PRO A 136 1.38 23.06 -19.73
N GLY A 144 -0.43 14.04 -28.47
CA GLY A 144 -0.84 15.32 -29.00
C GLY A 144 -1.85 16.05 -28.12
N THR A 145 -2.05 15.55 -26.91
CA THR A 145 -3.04 16.08 -25.98
C THR A 145 -2.33 16.68 -24.77
N ALA A 146 -2.73 17.89 -24.40
CA ALA A 146 -2.17 18.59 -23.26
C ALA A 146 -3.27 18.84 -22.23
N ALA A 147 -2.90 18.74 -20.96
CA ALA A 147 -3.83 18.99 -19.86
C ALA A 147 -3.56 20.37 -19.27
N LEU A 148 -4.64 21.06 -18.91
CA LEU A 148 -4.56 22.34 -18.22
C LEU A 148 -5.78 22.46 -17.32
N GLY A 149 -5.74 23.43 -16.42
CA GLY A 149 -6.87 23.57 -15.53
C GLY A 149 -6.79 24.79 -14.65
N CYS A 150 -7.68 24.81 -13.67
CA CYS A 150 -7.75 25.86 -12.66
C CYS A 150 -7.83 25.21 -11.29
N LEU A 151 -7.02 25.70 -10.35
CA LEU A 151 -7.13 25.31 -8.96
C LEU A 151 -8.00 26.34 -8.25
N VAL A 152 -9.10 25.88 -7.66
CA VAL A 152 -10.11 26.74 -7.04
C VAL A 152 -10.00 26.51 -5.54
N LYS A 153 -9.26 27.37 -4.85
CA LYS A 153 -8.78 27.09 -3.51
C LYS A 153 -9.40 28.02 -2.48
N ASP A 154 -9.53 27.48 -1.26
CA ASP A 154 -9.94 28.24 -0.04
C ASP A 154 -11.27 28.99 -0.21
N TYR A 155 -12.37 28.25 -0.31
CA TYR A 155 -13.70 28.89 -0.39
C TYR A 155 -14.63 28.22 0.62
N PHE A 156 -15.64 28.95 1.07
CA PHE A 156 -16.62 28.44 2.05
C PHE A 156 -17.87 29.32 1.97
N PRO A 157 -19.10 28.75 2.02
CA PRO A 157 -19.30 27.30 2.11
C PRO A 157 -19.45 26.67 0.73
N GLU A 158 -20.02 25.47 0.68
CA GLU A 158 -20.24 24.89 -0.66
C GLU A 158 -21.46 25.57 -1.31
N PRO A 159 -21.53 25.46 -2.79
CA PRO A 159 -20.63 24.98 -3.84
C PRO A 159 -20.02 26.07 -4.69
N VAL A 160 -19.16 25.65 -5.61
CA VAL A 160 -18.65 26.49 -6.69
C VAL A 160 -19.04 25.82 -7.99
N THR A 161 -19.27 26.62 -9.02
CA THR A 161 -19.42 26.13 -10.39
C THR A 161 -18.23 26.60 -11.23
N VAL A 162 -17.78 25.73 -12.13
CA VAL A 162 -16.69 26.06 -13.04
C VAL A 162 -17.16 25.75 -14.45
N SER A 163 -16.99 26.71 -15.35
CA SER A 163 -17.17 26.51 -16.77
C SER A 163 -15.87 26.88 -17.48
N TRP A 164 -15.78 26.55 -18.76
CA TRP A 164 -14.61 26.87 -19.54
C TRP A 164 -15.03 27.61 -20.79
N ASN A 165 -14.33 28.71 -21.08
CA ASN A 165 -14.62 29.56 -22.22
C ASN A 165 -16.10 29.92 -22.27
N SER A 166 -16.63 30.30 -21.09
CA SER A 166 -18.02 30.71 -20.94
C SER A 166 -18.99 29.65 -21.46
N GLY A 167 -18.71 28.40 -21.14
CA GLY A 167 -19.54 27.30 -21.55
C GLY A 167 -19.31 26.79 -22.95
N ALA A 168 -18.48 27.46 -23.74
CA ALA A 168 -18.22 26.98 -25.10
C ALA A 168 -17.36 25.73 -25.11
N LEU A 169 -16.59 25.49 -24.05
CA LEU A 169 -15.70 24.34 -23.98
C LEU A 169 -16.23 23.39 -22.91
N THR A 170 -16.76 22.25 -23.35
CA THR A 170 -17.25 21.23 -22.42
C THR A 170 -16.65 19.85 -22.66
N SER A 171 -16.17 19.56 -23.86
CA SER A 171 -15.57 18.26 -24.14
C SER A 171 -14.27 18.10 -23.37
N GLY A 172 -14.10 16.96 -22.71
CA GLY A 172 -12.87 16.65 -22.00
C GLY A 172 -12.67 17.36 -20.69
N VAL A 173 -13.71 17.95 -20.10
CA VAL A 173 -13.61 18.66 -18.84
C VAL A 173 -13.89 17.71 -17.70
N HIS A 174 -13.07 17.78 -16.64
CA HIS A 174 -13.30 17.06 -15.39
C HIS A 174 -13.19 18.06 -14.26
N THR A 175 -14.29 18.30 -13.56
CA THR A 175 -14.29 19.16 -12.38
C THR A 175 -14.45 18.25 -11.17
N PHE A 176 -13.43 18.22 -10.33
CA PHE A 176 -13.40 17.27 -9.23
C PHE A 176 -14.34 17.71 -8.11
N PRO A 177 -14.87 16.76 -7.35
CA PRO A 177 -15.60 17.13 -6.13
C PRO A 177 -14.69 17.88 -5.17
N ALA A 178 -15.30 18.78 -4.39
CA ALA A 178 -14.54 19.52 -3.40
C ALA A 178 -14.03 18.59 -2.31
N VAL A 179 -12.86 18.95 -1.75
CA VAL A 179 -12.32 18.29 -0.57
C VAL A 179 -12.21 19.34 0.53
N LEU A 180 -12.57 18.94 1.75
CA LEU A 180 -12.46 19.80 2.91
C LEU A 180 -11.02 19.79 3.41
N GLN A 181 -10.34 20.93 3.32
CA GLN A 181 -8.97 21.01 3.79
C GLN A 181 -8.95 21.15 5.31
N SER A 182 -7.76 20.94 5.89
CA SER A 182 -7.63 21.02 7.34
C SER A 182 -7.87 22.43 7.88
N SER A 183 -7.90 23.42 6.99
CA SER A 183 -8.14 24.82 7.41
C SER A 183 -9.64 25.05 7.59
N GLY A 184 -10.46 24.05 7.21
CA GLY A 184 -11.93 24.19 7.27
C GLY A 184 -12.48 24.83 6.00
N LEU A 185 -11.61 25.09 5.01
CA LEU A 185 -12.00 25.70 3.72
C LEU A 185 -11.91 24.62 2.62
N TYR A 186 -12.86 24.64 1.69
CA TYR A 186 -12.90 23.66 0.56
C TYR A 186 -11.92 24.04 -0.54
N SER A 187 -11.60 23.05 -1.36
CA SER A 187 -10.67 23.26 -2.50
C SER A 187 -10.96 22.20 -3.57
N LEU A 188 -10.90 22.60 -4.83
CA LEU A 188 -11.02 21.65 -5.93
C LEU A 188 -10.26 22.18 -7.13
N SER A 189 -10.02 21.29 -8.08
CA SER A 189 -9.47 21.65 -9.37
C SER A 189 -10.46 21.27 -10.46
N SER A 190 -10.42 22.01 -11.55
CA SER A 190 -11.12 21.68 -12.80
C SER A 190 -10.07 21.58 -13.89
N VAL A 191 -10.05 20.46 -14.61
CA VAL A 191 -9.03 20.22 -15.61
C VAL A 191 -9.71 19.92 -16.94
N VAL A 192 -8.95 20.13 -18.02
CA VAL A 192 -9.43 19.85 -19.36
C VAL A 192 -8.25 19.45 -20.21
N THR A 193 -8.44 18.45 -21.06
CA THR A 193 -7.43 18.01 -22.01
C THR A 193 -7.77 18.56 -23.39
N VAL A 194 -6.79 19.18 -24.03
CA VAL A 194 -7.00 19.92 -25.27
C VAL A 194 -5.89 19.55 -26.26
N PRO A 195 -5.95 19.99 -27.51
CA PRO A 195 -4.84 19.69 -28.44
C PRO A 195 -3.57 20.44 -28.08
N SER A 196 -2.44 19.75 -28.23
CA SER A 196 -1.14 20.39 -28.09
C SER A 196 -0.93 21.47 -29.15
N SER A 197 -1.45 21.26 -30.35
CA SER A 197 -1.10 22.09 -31.51
C SER A 197 -1.60 23.53 -31.40
N SER A 198 -2.62 23.78 -30.58
CA SER A 198 -3.22 25.11 -30.47
C SER A 198 -3.01 25.73 -29.10
N LEU A 199 -1.98 25.29 -28.38
CA LEU A 199 -1.76 25.77 -27.02
C LEU A 199 -1.40 27.25 -26.99
N GLY A 200 -0.66 27.73 -27.99
CA GLY A 200 -0.39 29.14 -28.11
C GLY A 200 -1.44 29.93 -28.85
N THR A 201 -2.35 29.26 -29.55
CA THR A 201 -3.36 29.89 -30.38
C THR A 201 -4.72 29.98 -29.68
N GLN A 202 -5.18 28.87 -29.09
CA GLN A 202 -6.49 28.81 -28.47
C GLN A 202 -6.43 29.35 -27.06
N THR A 203 -7.25 30.37 -26.79
CA THR A 203 -7.38 30.93 -25.44
C THR A 203 -8.23 30.00 -24.57
N TYR A 204 -7.79 29.83 -23.32
CA TYR A 204 -8.51 29.00 -22.35
C TYR A 204 -8.71 29.79 -21.07
N ILE A 205 -9.98 29.97 -20.69
CA ILE A 205 -10.35 30.71 -19.49
C ILE A 205 -11.33 29.85 -18.71
N CYS A 206 -11.03 29.63 -17.43
CA CYS A 206 -12.01 29.04 -16.52
C CYS A 206 -12.85 30.13 -15.88
N ASN A 207 -14.16 29.96 -15.90
CA ASN A 207 -15.10 30.87 -15.27
C ASN A 207 -15.59 30.23 -13.97
N VAL A 208 -15.16 30.77 -12.85
CA VAL A 208 -15.47 30.23 -11.52
C VAL A 208 -16.52 31.13 -10.88
N ASN A 209 -17.59 30.50 -10.40
CA ASN A 209 -18.68 31.27 -9.74
C ASN A 209 -18.89 30.73 -8.33
N HIS A 210 -18.63 31.56 -7.32
CA HIS A 210 -18.92 31.13 -5.94
C HIS A 210 -20.22 31.84 -5.56
N LYS A 211 -21.33 31.14 -5.71
CA LYS A 211 -22.66 31.77 -5.49
C LYS A 211 -22.74 32.46 -4.14
N PRO A 212 -22.45 31.80 -2.82
CA PRO A 212 -22.55 32.25 -1.42
C PRO A 212 -21.75 33.50 -1.09
N SER A 213 -20.73 33.80 -1.89
CA SER A 213 -19.85 34.94 -1.62
C SER A 213 -19.95 36.05 -2.67
N ASN A 214 -20.87 35.92 -3.63
CA ASN A 214 -21.03 36.92 -4.70
C ASN A 214 -19.72 37.13 -5.46
N THR A 215 -19.02 36.03 -5.74
CA THR A 215 -17.70 36.06 -6.37
C THR A 215 -17.78 35.41 -7.74
N LYS A 216 -17.24 36.09 -8.75
CA LYS A 216 -17.05 35.55 -10.08
C LYS A 216 -15.63 35.87 -10.52
N VAL A 217 -14.87 34.84 -10.89
CA VAL A 217 -13.47 35.01 -11.29
C VAL A 217 -13.28 34.33 -12.63
N ASP A 218 -12.62 35.03 -13.55
CA ASP A 218 -12.21 34.47 -14.83
C ASP A 218 -10.69 34.46 -14.87
N LYS A 219 -10.11 33.28 -15.06
CA LYS A 219 -8.66 33.11 -15.09
C LYS A 219 -8.26 32.51 -16.42
N LYS A 220 -7.45 33.24 -17.17
CA LYS A 220 -6.89 32.71 -18.41
C LYS A 220 -5.69 31.83 -18.07
N VAL A 221 -5.62 30.66 -18.69
CA VAL A 221 -4.58 29.68 -18.43
C VAL A 221 -3.73 29.56 -19.68
N GLU A 222 -2.43 29.82 -19.54
CA GLU A 222 -1.49 29.80 -20.66
C GLU A 222 -0.25 29.01 -20.26
N PRO A 223 0.55 28.57 -21.26
CA PRO A 223 1.82 27.88 -21.02
C PRO A 223 2.75 28.62 -20.05
N ASP B 1 -25.93 -4.89 20.17
CA ASP B 1 -25.96 -4.25 18.87
C ASP B 1 -25.89 -5.29 17.76
N ILE B 2 -26.74 -5.14 16.75
CA ILE B 2 -26.73 -6.01 15.58
C ILE B 2 -26.05 -5.27 14.44
N GLN B 3 -25.01 -5.87 13.90
CA GLN B 3 -24.32 -5.33 12.74
C GLN B 3 -24.69 -6.13 11.50
N VAL B 4 -24.72 -5.45 10.37
CA VAL B 4 -24.92 -6.08 9.07
C VAL B 4 -23.80 -5.64 8.15
N THR B 5 -23.12 -6.62 7.54
CA THR B 5 -22.01 -6.35 6.64
C THR B 5 -22.34 -6.90 5.27
N GLN B 6 -22.03 -6.12 4.25
CA GLN B 6 -22.32 -6.48 2.87
C GLN B 6 -21.05 -6.91 2.16
N SER B 7 -21.21 -7.76 1.15
CA SER B 7 -20.11 -8.24 0.34
C SER B 7 -20.62 -8.36 -1.09
N PRO B 8 -19.81 -7.95 -2.08
CA PRO B 8 -18.55 -7.22 -1.88
C PRO B 8 -18.80 -5.74 -1.62
N SER B 9 -17.74 -4.96 -1.41
CA SER B 9 -17.93 -3.52 -1.24
C SER B 9 -18.13 -2.84 -2.59
N THR B 10 -17.48 -3.33 -3.64
CA THR B 10 -17.68 -2.85 -5.00
C THR B 10 -17.84 -4.04 -5.94
N LEU B 11 -18.81 -3.94 -6.85
CA LEU B 11 -19.09 -4.99 -7.82
C LEU B 11 -19.10 -4.37 -9.20
N SER B 12 -18.24 -4.87 -10.09
CA SER B 12 -18.19 -4.39 -11.47
C SER B 12 -18.98 -5.35 -12.35
N ALA B 13 -19.85 -4.79 -13.19
CA ALA B 13 -20.71 -5.61 -14.03
C ALA B 13 -21.20 -4.79 -15.22
N SER B 14 -21.76 -5.49 -16.21
CA SER B 14 -22.24 -4.88 -17.43
C SER B 14 -23.75 -5.01 -17.53
N VAL B 15 -24.36 -4.13 -18.33
CA VAL B 15 -25.79 -4.21 -18.57
C VAL B 15 -26.14 -5.60 -19.11
N GLY B 16 -27.21 -6.18 -18.57
CA GLY B 16 -27.60 -7.53 -18.91
C GLY B 16 -26.98 -8.60 -18.04
N ASP B 17 -25.93 -8.29 -17.29
CA ASP B 17 -25.35 -9.27 -16.38
C ASP B 17 -26.31 -9.53 -15.22
N ARG B 18 -26.14 -10.69 -14.60
CA ARG B 18 -26.81 -10.98 -13.35
C ARG B 18 -25.85 -10.72 -12.21
N VAL B 19 -26.35 -10.08 -11.14
CA VAL B 19 -25.52 -9.78 -9.97
C VAL B 19 -26.24 -10.22 -8.70
N THR B 20 -25.50 -10.87 -7.82
CA THR B 20 -26.00 -11.30 -6.51
C THR B 20 -25.09 -10.70 -5.46
N ILE B 21 -25.67 -9.96 -4.51
CA ILE B 21 -24.90 -9.35 -3.44
C ILE B 21 -25.41 -9.89 -2.11
N THR B 22 -24.52 -9.94 -1.14
CA THR B 22 -24.80 -10.62 0.12
C THR B 22 -24.77 -9.66 1.29
N CYS B 23 -25.52 -10.00 2.33
CA CYS B 23 -25.60 -9.21 3.56
C CYS B 23 -25.69 -10.19 4.71
N ARG B 24 -24.78 -10.05 5.67
CA ARG B 24 -24.71 -10.94 6.81
C ARG B 24 -24.94 -10.16 8.10
N ALA B 25 -25.86 -10.65 8.93
CA ALA B 25 -26.11 -10.06 10.24
C ALA B 25 -25.27 -10.76 11.30
N SER B 26 -24.82 -9.99 12.29
CA SER B 26 -23.98 -10.51 13.37
C SER B 26 -24.74 -11.48 14.27
N GLN B 27 -26.07 -11.43 14.25
CA GLN B 27 -26.90 -12.39 14.95
C GLN B 27 -28.23 -12.44 14.22
N SER B 28 -29.06 -13.41 14.57
CA SER B 28 -30.30 -13.63 13.85
C SER B 28 -31.20 -12.41 13.89
N ILE B 29 -31.67 -11.99 12.72
CA ILE B 29 -32.65 -10.92 12.60
C ILE B 29 -33.98 -11.44 12.08
N SER B 30 -34.16 -12.76 12.19
CA SER B 30 -35.35 -13.45 11.62
C SER B 30 -35.44 -13.03 10.15
N SER B 31 -36.58 -12.48 9.72
CA SER B 31 -36.70 -12.01 8.31
C SER B 31 -36.75 -10.49 8.27
N TRP B 32 -36.38 -9.80 9.35
CA TRP B 32 -36.48 -8.31 9.37
C TRP B 32 -35.27 -7.67 8.68
N LEU B 33 -35.16 -7.85 7.35
CA LEU B 33 -34.06 -7.26 6.56
C LEU B 33 -34.67 -6.56 5.35
N ALA B 34 -34.18 -5.36 5.05
CA ALA B 34 -34.67 -4.58 3.90
C ALA B 34 -33.49 -4.21 2.99
N TRP B 35 -33.78 -4.04 1.70
CA TRP B 35 -32.75 -3.66 0.70
C TRP B 35 -33.14 -2.29 0.11
N TYR B 36 -32.17 -1.38 0.05
CA TYR B 36 -32.43 -0.04 -0.54
C TYR B 36 -31.42 0.23 -1.64
N GLN B 37 -31.84 1.01 -2.62
CA GLN B 37 -30.99 1.50 -3.70
C GLN B 37 -30.81 3.00 -3.50
N GLN B 38 -29.58 3.48 -3.63
CA GLN B 38 -29.32 4.91 -3.56
C GLN B 38 -28.37 5.34 -4.67
N LYS B 39 -28.78 6.31 -5.41
CA LYS B 39 -27.92 6.97 -6.36
C LYS B 39 -27.29 8.20 -5.70
N PRO B 40 -26.08 8.57 -6.14
CA PRO B 40 -25.34 9.62 -5.45
C PRO B 40 -26.15 10.89 -5.27
N GLY B 41 -26.24 11.36 -4.03
CA GLY B 41 -26.94 12.57 -3.69
C GLY B 41 -28.44 12.49 -3.76
N LYS B 42 -29.00 11.29 -3.89
CA LYS B 42 -30.42 11.07 -3.98
C LYS B 42 -30.93 10.37 -2.72
N ALA B 43 -32.22 10.51 -2.48
CA ALA B 43 -32.84 9.79 -1.38
C ALA B 43 -32.79 8.29 -1.64
N PRO B 44 -32.54 7.47 -0.62
CA PRO B 44 -32.64 6.02 -0.80
C PRO B 44 -34.04 5.61 -1.25
N LYS B 45 -34.11 4.47 -1.95
CA LYS B 45 -35.35 3.92 -2.46
C LYS B 45 -35.51 2.50 -1.95
N LEU B 46 -36.67 2.19 -1.38
CA LEU B 46 -36.90 0.84 -0.86
C LEU B 46 -37.16 -0.14 -2.00
N LEU B 47 -36.39 -1.24 -2.00
CA LEU B 47 -36.54 -2.28 -3.05
C LEU B 47 -37.26 -3.51 -2.48
N ILE B 48 -36.74 -4.04 -1.38
CA ILE B 48 -37.30 -5.30 -0.81
C ILE B 48 -37.46 -5.14 0.71
N TYR B 49 -38.56 -5.68 1.26
CA TYR B 49 -38.81 -5.66 2.73
C TYR B 49 -39.08 -7.10 3.17
N LYS B 50 -38.85 -7.38 4.46
CA LYS B 50 -39.07 -8.74 5.02
C LYS B 50 -38.30 -9.80 4.25
N ALA B 51 -37.04 -9.50 3.88
CA ALA B 51 -36.08 -10.40 3.18
C ALA B 51 -36.39 -10.63 1.69
N SER B 52 -37.60 -11.08 1.35
CA SER B 52 -37.95 -11.45 -0.05
C SER B 52 -39.16 -10.71 -0.62
N SER B 53 -39.83 -9.84 0.13
CA SER B 53 -41.05 -9.18 -0.43
C SER B 53 -40.68 -7.99 -1.32
N LEU B 54 -41.23 -7.95 -2.53
CA LEU B 54 -40.94 -6.85 -3.49
C LEU B 54 -41.82 -5.65 -3.19
N GLU B 55 -41.21 -4.49 -2.94
CA GLU B 55 -41.98 -3.27 -2.67
C GLU B 55 -42.76 -2.87 -3.92
N SER B 56 -43.97 -2.35 -3.70
CA SER B 56 -44.85 -1.99 -4.81
C SER B 56 -44.14 -1.08 -5.81
N GLY B 57 -44.28 -1.39 -7.09
CA GLY B 57 -43.71 -0.59 -8.15
C GLY B 57 -42.26 -0.85 -8.47
N VAL B 58 -41.57 -1.68 -7.67
CA VAL B 58 -40.17 -2.01 -7.93
C VAL B 58 -40.12 -3.07 -9.02
N PRO B 59 -39.26 -2.92 -10.04
CA PRO B 59 -39.27 -3.89 -11.15
C PRO B 59 -38.95 -5.31 -10.70
N SER B 60 -39.55 -6.28 -11.39
CA SER B 60 -39.48 -7.68 -10.98
C SER B 60 -38.10 -8.29 -11.14
N ARG B 61 -37.16 -7.61 -11.81
CA ARG B 61 -35.79 -8.11 -11.88
C ARG B 61 -35.07 -8.07 -10.53
N PHE B 62 -35.62 -7.39 -9.53
CA PHE B 62 -35.07 -7.40 -8.18
C PHE B 62 -35.74 -8.49 -7.35
N SER B 63 -34.92 -9.33 -6.73
CA SER B 63 -35.45 -10.41 -5.85
C SER B 63 -34.54 -10.52 -4.63
N GLY B 64 -35.11 -10.88 -3.48
CA GLY B 64 -34.33 -11.01 -2.25
C GLY B 64 -34.51 -12.39 -1.66
N SER B 65 -33.49 -12.90 -0.99
CA SER B 65 -33.59 -14.26 -0.39
C SER B 65 -32.84 -14.29 0.94
N GLY B 66 -33.17 -15.25 1.79
CA GLY B 66 -32.45 -15.41 3.05
C GLY B 66 -33.31 -15.29 4.29
N SER B 67 -32.72 -15.70 5.40
CA SER B 67 -33.35 -15.67 6.75
C SER B 67 -32.26 -15.92 7.78
N GLY B 68 -32.49 -15.47 9.00
CA GLY B 68 -31.53 -15.65 10.07
C GLY B 68 -30.39 -14.67 10.02
N THR B 69 -29.24 -15.08 9.47
CA THR B 69 -28.08 -14.23 9.35
C THR B 69 -27.56 -14.04 7.94
N GLU B 70 -28.01 -14.90 7.01
CA GLU B 70 -27.49 -14.84 5.61
C GLU B 70 -28.59 -14.41 4.64
N PHE B 71 -28.37 -13.28 3.97
CA PHE B 71 -29.37 -12.73 3.03
C PHE B 71 -28.68 -12.31 1.74
N THR B 72 -29.44 -12.30 0.64
CA THR B 72 -28.87 -11.87 -0.66
C THR B 72 -29.90 -11.09 -1.45
N LEU B 73 -29.41 -10.19 -2.29
CA LEU B 73 -30.20 -9.44 -3.26
C LEU B 73 -29.68 -9.78 -4.65
N THR B 74 -30.59 -10.15 -5.56
CA THR B 74 -30.21 -10.52 -6.92
C THR B 74 -30.92 -9.63 -7.92
N ILE B 75 -30.17 -9.08 -8.88
CA ILE B 75 -30.71 -8.37 -10.02
C ILE B 75 -30.58 -9.32 -11.22
N SER B 76 -31.71 -9.77 -11.75
CA SER B 76 -31.68 -10.87 -12.73
C SER B 76 -30.93 -10.48 -14.00
N SER B 77 -31.04 -9.21 -14.41
CA SER B 77 -30.39 -8.72 -15.62
C SER B 77 -30.26 -7.21 -15.46
N LEU B 78 -29.03 -6.72 -15.33
CA LEU B 78 -28.83 -5.31 -15.00
C LEU B 78 -29.33 -4.42 -16.13
N GLN B 79 -30.06 -3.38 -15.77
CA GLN B 79 -30.45 -2.31 -16.67
C GLN B 79 -29.54 -1.11 -16.47
N PRO B 80 -29.48 -0.18 -17.44
CA PRO B 80 -28.53 0.93 -17.31
C PRO B 80 -28.76 1.81 -16.10
N ASP B 81 -30.00 1.94 -15.62
CA ASP B 81 -30.26 2.76 -14.45
C ASP B 81 -30.04 2.02 -13.14
N ASP B 82 -29.58 0.77 -13.17
CA ASP B 82 -29.35 -0.01 -11.96
C ASP B 82 -27.98 0.23 -11.35
N PHE B 83 -27.10 0.95 -12.03
CA PHE B 83 -25.80 1.25 -11.44
C PHE B 83 -25.99 2.26 -10.32
N ALA B 84 -25.58 1.86 -9.12
CA ALA B 84 -25.99 2.53 -7.89
C ALA B 84 -25.33 1.86 -6.70
N THR B 85 -25.52 2.38 -5.49
CA THR B 85 -25.09 1.71 -4.29
C THR B 85 -26.31 1.07 -3.62
N TYR B 86 -26.15 -0.16 -3.16
CA TYR B 86 -27.24 -0.91 -2.54
C TYR B 86 -26.92 -1.14 -1.07
N TYR B 87 -27.91 -0.89 -0.20
CA TYR B 87 -27.78 -1.01 1.24
C TYR B 87 -28.77 -2.02 1.78
N CYS B 88 -28.32 -2.96 2.59
CA CYS B 88 -29.27 -3.71 3.40
C CYS B 88 -29.39 -3.11 4.78
N GLN B 89 -30.54 -3.37 5.41
CA GLN B 89 -30.86 -2.81 6.75
C GLN B 89 -31.65 -3.83 7.56
N GLN B 90 -31.22 -4.08 8.80
CA GLN B 90 -31.97 -5.00 9.69
C GLN B 90 -32.86 -4.13 10.58
N TYR B 91 -34.12 -4.53 10.73
CA TYR B 91 -35.07 -3.80 11.61
C TYR B 91 -35.57 -4.73 12.72
N ASN B 92 -34.72 -5.66 13.17
CA ASN B 92 -35.07 -6.61 14.26
C ASN B 92 -34.78 -5.99 15.63
N SER B 93 -33.57 -5.45 15.82
CA SER B 93 -33.17 -4.78 17.09
C SER B 93 -32.60 -3.41 16.71
N TYR B 94 -33.39 -2.36 16.92
CA TYR B 94 -33.06 -0.98 16.49
C TYR B 94 -32.98 -0.97 14.96
N TRP B 95 -32.22 -0.03 14.39
CA TRP B 95 -32.09 0.03 12.91
C TRP B 95 -30.61 0.19 12.54
N THR B 96 -30.05 -0.79 11.84
CA THR B 96 -28.62 -0.68 11.42
C THR B 96 -28.54 -0.99 9.93
N PHE B 97 -27.75 -0.20 9.20
CA PHE B 97 -27.61 -0.46 7.76
C PHE B 97 -26.21 -1.04 7.53
N GLY B 98 -26.04 -1.68 6.37
CA GLY B 98 -24.75 -2.13 5.89
C GLY B 98 -23.95 -0.97 5.32
N GLN B 99 -22.70 -1.26 4.96
CA GLN B 99 -21.81 -0.24 4.42
C GLN B 99 -22.07 0.04 2.95
N GLY B 100 -22.94 -0.73 2.31
CA GLY B 100 -23.24 -0.51 0.91
C GLY B 100 -22.39 -1.32 -0.07
N THR B 101 -23.02 -1.78 -1.14
CA THR B 101 -22.32 -2.38 -2.27
C THR B 101 -22.51 -1.47 -3.47
N LYS B 102 -21.41 -0.93 -3.98
CA LYS B 102 -21.47 -0.12 -5.18
C LYS B 102 -21.44 -1.02 -6.40
N VAL B 103 -22.53 -1.03 -7.16
CA VAL B 103 -22.59 -1.74 -8.43
C VAL B 103 -22.13 -0.77 -9.53
N GLU B 104 -21.00 -1.08 -10.15
CA GLU B 104 -20.29 -0.17 -11.05
C GLU B 104 -20.22 -0.76 -12.46
N ILE B 105 -20.15 0.11 -13.45
CA ILE B 105 -20.08 -0.28 -14.86
C ILE B 105 -18.70 -0.85 -15.17
N LYS B 106 -18.67 -2.09 -15.64
CA LYS B 106 -17.40 -2.68 -16.07
C LYS B 106 -17.00 -2.15 -17.44
N ARG B 107 -15.70 -1.99 -17.64
CA ARG B 107 -15.14 -1.64 -18.94
C ARG B 107 -13.71 -2.18 -19.02
N THR B 108 -13.08 -1.99 -20.17
CA THR B 108 -11.71 -2.46 -20.34
C THR B 108 -10.75 -1.68 -19.45
N VAL B 109 -9.66 -2.34 -19.07
CA VAL B 109 -8.60 -1.66 -18.32
C VAL B 109 -8.09 -0.50 -19.15
N ALA B 110 -7.94 0.66 -18.51
CA ALA B 110 -7.41 1.86 -19.14
C ALA B 110 -6.40 2.47 -18.20
N ALA B 111 -5.14 2.54 -18.62
CA ALA B 111 -4.12 3.16 -17.82
C ALA B 111 -4.36 4.67 -17.74
N PRO B 112 -4.03 5.30 -16.61
CA PRO B 112 -4.18 6.75 -16.50
C PRO B 112 -3.12 7.49 -17.30
N SER B 113 -3.53 8.63 -17.85
CA SER B 113 -2.60 9.64 -18.33
C SER B 113 -2.27 10.55 -17.15
N VAL B 114 -0.98 10.68 -16.84
CA VAL B 114 -0.53 11.34 -15.62
C VAL B 114 0.10 12.68 -15.97
N PHE B 115 -0.30 13.73 -15.23
CA PHE B 115 0.20 15.08 -15.41
C PHE B 115 0.55 15.67 -14.05
N ILE B 116 1.62 16.47 -14.01
CA ILE B 116 2.00 17.17 -12.79
C ILE B 116 2.03 18.67 -13.08
N PHE B 117 1.52 19.46 -12.14
CA PHE B 117 1.48 20.91 -12.28
C PHE B 117 2.20 21.58 -11.11
N PRO B 118 3.25 22.36 -11.33
CA PRO B 118 3.86 23.10 -10.23
C PRO B 118 2.93 24.19 -9.74
N PRO B 119 3.16 24.73 -8.55
CA PRO B 119 2.30 25.82 -8.06
C PRO B 119 2.49 27.07 -8.90
N SER B 120 1.41 27.84 -8.98
CA SER B 120 1.44 29.08 -9.75
C SER B 120 2.31 30.12 -9.08
N ASP B 121 2.90 31.00 -9.90
CA ASP B 121 3.58 32.18 -9.37
C ASP B 121 2.64 33.04 -8.56
N GLU B 122 1.36 33.09 -8.95
CA GLU B 122 0.38 33.86 -8.18
C GLU B 122 0.22 33.31 -6.76
N GLN B 123 0.04 31.99 -6.63
CA GLN B 123 -0.17 31.41 -5.32
C GLN B 123 1.06 31.58 -4.44
N LEU B 124 2.26 31.47 -5.02
CA LEU B 124 3.49 31.55 -4.23
C LEU B 124 3.65 32.91 -3.57
N LYS B 125 3.09 33.97 -4.19
CA LYS B 125 3.07 35.27 -3.52
C LYS B 125 2.38 35.21 -2.17
N SER B 126 1.42 34.29 -2.01
CA SER B 126 0.49 34.32 -0.89
C SER B 126 0.95 33.54 0.33
N GLY B 127 1.91 32.63 0.19
CA GLY B 127 2.47 31.92 1.34
C GLY B 127 2.28 30.42 1.34
N THR B 128 1.44 29.86 0.48
CA THR B 128 1.23 28.42 0.39
C THR B 128 1.52 27.97 -1.03
N ALA B 129 2.00 26.73 -1.16
CA ALA B 129 2.27 26.11 -2.46
C ALA B 129 1.42 24.86 -2.60
N SER B 130 0.71 24.76 -3.72
CA SER B 130 -0.07 23.57 -4.06
C SER B 130 0.52 22.94 -5.32
N VAL B 131 0.88 21.66 -5.22
CA VAL B 131 1.34 20.87 -6.35
C VAL B 131 0.26 19.86 -6.67
N VAL B 132 -0.15 19.80 -7.94
CA VAL B 132 -1.27 18.99 -8.37
C VAL B 132 -0.78 17.89 -9.29
N CYS B 133 -1.23 16.66 -9.04
CA CYS B 133 -0.97 15.52 -9.90
C CYS B 133 -2.31 14.98 -10.39
N LEU B 134 -2.45 14.86 -11.70
CA LEU B 134 -3.71 14.47 -12.32
C LEU B 134 -3.56 13.09 -12.94
N LEU B 135 -4.52 12.20 -12.65
CA LEU B 135 -4.65 10.90 -13.29
C LEU B 135 -5.94 10.93 -14.09
N ASN B 136 -5.84 10.86 -15.41
CA ASN B 136 -6.98 11.12 -16.28
C ASN B 136 -7.47 9.85 -16.95
N ASN B 137 -8.79 9.62 -16.84
CA ASN B 137 -9.51 8.65 -17.66
C ASN B 137 -8.92 7.24 -17.53
N PHE B 138 -8.96 6.70 -16.31
CA PHE B 138 -8.41 5.38 -16.03
C PHE B 138 -9.49 4.45 -15.50
N TYR B 139 -9.20 3.14 -15.57
CA TYR B 139 -10.07 2.09 -15.07
C TYR B 139 -9.22 0.85 -14.88
N PRO B 140 -9.40 0.08 -13.80
CA PRO B 140 -10.37 0.29 -12.71
C PRO B 140 -10.01 1.42 -11.75
N ARG B 141 -10.79 1.53 -10.68
CA ARG B 141 -10.70 2.68 -9.80
C ARG B 141 -9.45 2.66 -8.93
N GLU B 142 -8.96 1.48 -8.58
CA GLU B 142 -7.83 1.37 -7.67
C GLU B 142 -6.58 1.98 -8.29
N ALA B 143 -5.97 2.91 -7.55
CA ALA B 143 -4.78 3.60 -8.01
C ALA B 143 -4.04 4.13 -6.78
N LYS B 144 -2.73 4.04 -6.81
CA LYS B 144 -1.89 4.55 -5.73
C LYS B 144 -1.07 5.74 -6.24
N VAL B 145 -1.12 6.85 -5.52
CA VAL B 145 -0.40 8.06 -5.89
C VAL B 145 0.49 8.45 -4.72
N GLN B 146 1.79 8.51 -4.97
CA GLN B 146 2.77 8.87 -3.96
C GLN B 146 3.55 10.10 -4.40
N TRP B 147 3.81 10.99 -3.45
CA TRP B 147 4.60 12.19 -3.67
C TRP B 147 6.00 12.01 -3.12
N LYS B 148 6.99 12.47 -3.88
CA LYS B 148 8.37 12.47 -3.44
C LYS B 148 8.96 13.85 -3.67
N VAL B 149 9.58 14.42 -2.64
CA VAL B 149 10.23 15.73 -2.73
C VAL B 149 11.70 15.50 -2.38
N ASP B 150 12.57 15.72 -3.37
CA ASP B 150 13.99 15.40 -3.24
C ASP B 150 14.18 13.97 -2.73
N ASN B 151 13.38 13.05 -3.29
CA ASN B 151 13.38 11.63 -3.01
C ASN B 151 12.82 11.27 -1.64
N ALA B 152 12.26 12.23 -0.91
CA ALA B 152 11.61 11.95 0.36
C ALA B 152 10.12 11.72 0.11
N LEU B 153 9.66 10.52 0.44
CA LEU B 153 8.23 10.21 0.34
C LEU B 153 7.44 11.11 1.27
N GLN B 154 6.40 11.73 0.73
CA GLN B 154 5.58 12.65 1.50
C GLN B 154 4.41 11.90 2.15
N SER B 155 4.07 12.31 3.38
CA SER B 155 2.99 11.68 4.11
C SER B 155 2.26 12.73 4.93
N GLY B 156 0.93 12.76 4.84
CA GLY B 156 0.12 13.62 5.66
C GLY B 156 -0.22 14.96 5.06
N ASN B 157 0.42 15.33 3.95
CA ASN B 157 0.21 16.66 3.36
C ASN B 157 -0.37 16.57 1.95
N SER B 158 -1.07 15.50 1.62
CA SER B 158 -1.75 15.39 0.34
C SER B 158 -3.20 14.99 0.53
N GLN B 159 -4.04 15.39 -0.41
CA GLN B 159 -5.45 15.02 -0.42
C GLN B 159 -5.86 14.63 -1.83
N GLU B 160 -6.70 13.61 -1.93
CA GLU B 160 -7.15 13.07 -3.20
C GLU B 160 -8.62 13.38 -3.42
N SER B 161 -8.98 13.54 -4.69
CA SER B 161 -10.37 13.68 -5.09
C SER B 161 -10.56 12.86 -6.37
N VAL B 162 -11.68 12.15 -6.45
CA VAL B 162 -11.95 11.29 -7.60
C VAL B 162 -13.34 11.61 -8.12
N THR B 163 -13.47 11.66 -9.45
CA THR B 163 -14.76 11.88 -10.07
C THR B 163 -15.58 10.58 -10.07
N GLU B 164 -16.87 10.73 -10.34
CA GLU B 164 -17.69 9.56 -10.62
C GLU B 164 -17.36 9.03 -12.01
N GLN B 165 -17.86 7.83 -12.31
CA GLN B 165 -17.61 7.24 -13.62
C GLN B 165 -18.14 8.16 -14.71
N ASP B 166 -17.30 8.45 -15.69
CA ASP B 166 -17.71 9.27 -16.82
C ASP B 166 -18.88 8.60 -17.51
N SER B 167 -19.94 9.37 -17.78
CA SER B 167 -21.15 8.76 -18.34
C SER B 167 -20.90 8.21 -19.74
N LYS B 168 -19.96 8.78 -20.48
CA LYS B 168 -19.73 8.29 -21.84
C LYS B 168 -18.77 7.11 -21.89
N ASP B 169 -17.61 7.19 -21.22
CA ASP B 169 -16.60 6.15 -21.35
C ASP B 169 -16.35 5.35 -20.08
N SER B 170 -17.05 5.65 -18.97
CA SER B 170 -17.03 4.85 -17.75
C SER B 170 -15.67 4.82 -17.07
N THR B 171 -14.83 5.80 -17.33
CA THR B 171 -13.54 5.90 -16.66
C THR B 171 -13.61 6.81 -15.43
N TYR B 172 -12.55 6.78 -14.65
CA TYR B 172 -12.36 7.66 -13.52
C TYR B 172 -11.25 8.67 -13.83
N SER B 173 -11.30 9.80 -13.13
CA SER B 173 -10.17 10.71 -13.07
C SER B 173 -9.92 11.06 -11.61
N LEU B 174 -8.67 11.36 -11.28
CA LEU B 174 -8.28 11.57 -9.90
C LEU B 174 -7.29 12.71 -9.82
N SER B 175 -7.47 13.56 -8.82
CA SER B 175 -6.50 14.58 -8.48
C SER B 175 -5.87 14.27 -7.14
N SER B 176 -4.56 14.48 -7.04
CA SER B 176 -3.83 14.43 -5.78
C SER B 176 -3.12 15.76 -5.62
N THR B 177 -3.35 16.43 -4.49
CA THR B 177 -2.85 17.78 -4.28
C THR B 177 -1.96 17.81 -3.05
N LEU B 178 -0.71 18.21 -3.25
CA LEU B 178 0.29 18.32 -2.19
C LEU B 178 0.36 19.76 -1.73
N THR B 179 0.18 19.99 -0.44
CA THR B 179 0.16 21.33 0.14
C THR B 179 1.42 21.54 0.96
N LEU B 180 2.18 22.58 0.64
CA LEU B 180 3.40 22.93 1.35
C LEU B 180 3.43 24.44 1.59
N SER B 181 4.09 24.84 2.66
CA SER B 181 4.41 26.24 2.83
C SER B 181 5.41 26.66 1.76
N LYS B 182 5.30 27.91 1.31
CA LYS B 182 6.23 28.39 0.29
C LYS B 182 7.67 28.23 0.73
N ALA B 183 7.95 28.41 2.03
CA ALA B 183 9.31 28.22 2.53
C ALA B 183 9.77 26.78 2.29
N ASP B 184 8.92 25.81 2.65
CA ASP B 184 9.27 24.42 2.40
C ASP B 184 9.38 24.13 0.91
N TYR B 185 8.46 24.67 0.11
CA TYR B 185 8.51 24.47 -1.33
C TYR B 185 9.82 25.00 -1.92
N GLU B 186 10.25 26.17 -1.48
CA GLU B 186 11.49 26.76 -1.99
C GLU B 186 12.74 26.13 -1.37
N LYS B 187 12.59 25.22 -0.42
CA LYS B 187 13.71 24.51 0.18
C LYS B 187 14.15 23.29 -0.62
N HIS B 188 13.39 22.89 -1.64
CA HIS B 188 13.61 21.64 -2.33
C HIS B 188 13.55 21.83 -3.84
N LYS B 189 14.06 20.84 -4.58
CA LYS B 189 14.23 20.96 -6.02
C LYS B 189 13.30 20.04 -6.79
N VAL B 190 13.40 18.72 -6.59
CA VAL B 190 12.69 17.75 -7.42
C VAL B 190 11.36 17.38 -6.78
N TYR B 191 10.27 17.61 -7.52
CA TYR B 191 8.93 17.24 -7.10
C TYR B 191 8.40 16.19 -8.06
N ALA B 192 8.03 15.03 -7.53
CA ALA B 192 7.64 13.90 -8.37
C ALA B 192 6.34 13.31 -7.89
N CYS B 193 5.49 12.92 -8.86
CA CYS B 193 4.27 12.18 -8.60
C CYS B 193 4.43 10.79 -9.22
N GLU B 194 4.30 9.75 -8.39
CA GLU B 194 4.49 8.37 -8.84
C GLU B 194 3.17 7.62 -8.76
N VAL B 195 2.76 7.03 -9.87
CA VAL B 195 1.43 6.44 -10.02
C VAL B 195 1.57 4.96 -10.29
N THR B 196 0.83 4.14 -9.55
CA THR B 196 0.72 2.71 -9.81
C THR B 196 -0.72 2.39 -10.17
N HIS B 197 -0.89 1.58 -11.22
CA HIS B 197 -2.21 1.22 -11.70
C HIS B 197 -2.10 -0.05 -12.51
N GLN B 198 -3.20 -0.83 -12.51
CA GLN B 198 -3.27 -2.08 -13.26
C GLN B 198 -2.87 -1.92 -14.71
N GLY B 199 -3.29 -0.82 -15.34
CA GLY B 199 -2.96 -0.59 -16.73
C GLY B 199 -1.50 -0.28 -16.98
N LEU B 200 -0.72 -0.03 -15.93
CA LEU B 200 0.69 0.30 -16.04
C LEU B 200 1.53 -0.94 -15.72
N SER B 201 2.41 -1.31 -16.64
CA SER B 201 3.26 -2.47 -16.40
C SER B 201 4.28 -2.19 -15.29
N SER B 202 4.61 -0.93 -15.06
CA SER B 202 5.45 -0.53 -13.93
C SER B 202 5.08 0.89 -13.60
N PRO B 203 5.28 1.35 -12.35
CA PRO B 203 4.79 2.66 -11.95
C PRO B 203 5.34 3.78 -12.83
N VAL B 204 4.49 4.79 -13.05
CA VAL B 204 4.81 5.94 -13.88
C VAL B 204 5.08 7.12 -12.97
N THR B 205 6.18 7.83 -13.25
CA THR B 205 6.55 9.02 -12.48
C THR B 205 6.55 10.23 -13.39
N LYS B 206 5.88 11.30 -12.95
CA LYS B 206 5.97 12.61 -13.58
C LYS B 206 6.60 13.56 -12.58
N SER B 207 7.51 14.41 -13.06
CA SER B 207 8.25 15.27 -12.15
C SER B 207 8.61 16.57 -12.85
N PHE B 208 8.96 17.55 -12.03
CA PHE B 208 9.55 18.80 -12.49
C PHE B 208 10.63 19.21 -11.51
N ASN B 209 11.48 20.15 -11.95
CA ASN B 209 12.46 20.80 -11.09
C ASN B 209 12.00 22.23 -10.85
N ARG B 210 11.95 22.63 -9.58
CA ARG B 210 11.44 23.96 -9.20
C ARG B 210 12.28 25.09 -9.79
N ASN C 1 -40.04 -2.17 23.65
CA ASN C 1 -39.51 -2.72 22.38
C ASN C 1 -39.46 -1.61 21.33
N PRO C 2 -38.26 -1.10 20.96
CA PRO C 2 -38.15 -0.05 19.95
C PRO C 2 -38.65 -0.45 18.55
N ASN C 3 -38.61 -1.76 18.23
CA ASN C 3 -39.00 -2.31 16.91
C ASN C 3 -40.50 -2.62 16.84
N ALA C 4 -41.26 -2.26 17.88
CA ALA C 4 -42.73 -2.43 17.83
C ALA C 4 -43.32 -1.51 16.75
N ASN C 5 -44.44 -1.91 16.15
CA ASN C 5 -45.04 -1.11 15.10
C ASN C 5 -45.37 0.28 15.63
N PRO C 6 -44.82 1.48 15.05
CA PRO C 6 -44.86 3.15 15.34
C PRO C 6 -46.13 3.81 14.76
N ASN C 7 -47.04 3.00 14.21
CA ASN C 7 -48.21 3.56 13.49
C ASN C 7 -49.54 3.31 14.21
N ALA C 8 -50.55 4.11 13.86
CA ALA C 8 -51.92 4.00 14.42
C ALA C 8 -52.58 2.71 13.92
N ASN C 9 -53.50 2.16 14.71
CA ASN C 9 -54.19 0.90 14.33
C ASN C 9 -55.68 1.00 14.68
N GLN D 1 46.73 -7.47 8.47
CA GLN D 1 47.67 -6.40 8.19
C GLN D 1 47.07 -5.40 7.20
N VAL D 2 46.74 -5.88 5.99
CA VAL D 2 46.07 -5.05 5.00
C VAL D 2 44.58 -5.04 5.30
N GLN D 3 44.01 -3.85 5.46
CA GLN D 3 42.59 -3.80 5.81
C GLN D 3 41.97 -2.48 5.35
N LEU D 4 40.70 -2.58 4.97
CA LEU D 4 39.85 -1.44 4.71
C LEU D 4 38.67 -1.53 5.67
N VAL D 5 38.31 -0.40 6.28
CA VAL D 5 37.27 -0.37 7.31
C VAL D 5 36.28 0.74 6.96
N GLU D 6 35.06 0.36 6.60
CA GLU D 6 34.01 1.32 6.30
C GLU D 6 33.29 1.73 7.58
N SER D 7 32.92 3.00 7.66
CA SER D 7 32.13 3.48 8.79
C SER D 7 31.11 4.49 8.28
N GLY D 8 30.13 4.81 9.15
CA GLY D 8 29.12 5.80 8.87
C GLY D 8 27.73 5.23 8.63
N GLY D 9 27.62 3.92 8.40
CA GLY D 9 26.33 3.35 8.09
C GLY D 9 25.37 3.43 9.27
N GLY D 10 24.11 3.72 8.96
CA GLY D 10 23.08 3.75 9.98
C GLY D 10 21.74 4.01 9.34
N VAL D 11 20.75 4.26 10.18
CA VAL D 11 19.44 4.66 9.69
C VAL D 11 19.46 6.15 9.39
N VAL D 12 19.06 6.52 8.18
CA VAL D 12 18.98 7.91 7.75
C VAL D 12 17.71 8.07 6.92
N GLN D 13 17.03 9.21 7.07
CA GLN D 13 15.73 9.38 6.43
C GLN D 13 15.89 9.76 4.96
N PRO D 14 14.92 9.41 4.11
CA PRO D 14 14.98 9.80 2.70
C PRO D 14 15.07 11.31 2.55
N GLY D 15 15.78 11.74 1.51
CA GLY D 15 16.00 13.15 1.25
C GLY D 15 17.15 13.75 2.02
N ARG D 16 17.72 13.04 2.98
CA ARG D 16 18.75 13.60 3.83
C ARG D 16 20.14 13.19 3.32
N SER D 17 21.17 13.51 4.10
CA SER D 17 22.56 13.36 3.69
C SER D 17 23.32 12.47 4.67
N LEU D 18 24.34 11.79 4.16
CA LEU D 18 25.16 10.91 4.98
C LEU D 18 26.53 10.79 4.33
N ARG D 19 27.57 10.95 5.14
CA ARG D 19 28.95 10.89 4.68
C ARG D 19 29.56 9.58 5.18
N LEU D 20 29.83 8.67 4.28
CA LEU D 20 30.52 7.45 4.65
C LEU D 20 32.01 7.66 4.55
N SER D 21 32.76 6.81 5.24
CA SER D 21 34.21 6.89 5.18
C SER D 21 34.78 5.48 5.21
N CYS D 22 36.01 5.36 4.71
CA CYS D 22 36.71 4.09 4.59
C CYS D 22 38.16 4.33 5.00
N ALA D 23 38.58 3.78 6.14
CA ALA D 23 39.94 3.97 6.63
C ALA D 23 40.80 2.76 6.26
N ALA D 24 41.99 3.05 5.71
CA ALA D 24 42.91 2.03 5.24
C ALA D 24 44.12 1.93 6.16
N SER D 25 44.69 0.73 6.22
CA SER D 25 45.99 0.55 6.89
C SER D 25 46.66 -0.69 6.32
N GLY D 26 47.98 -0.77 6.53
CA GLY D 26 48.75 -1.90 6.08
C GLY D 26 49.30 -1.81 4.68
N PHE D 27 49.02 -0.73 3.96
CA PHE D 27 49.54 -0.53 2.61
C PHE D 27 49.55 0.97 2.32
N THR D 28 50.22 1.33 1.23
CA THR D 28 50.36 2.74 0.86
C THR D 28 49.05 3.19 0.20
N PHE D 29 48.11 3.60 1.04
CA PHE D 29 46.79 4.03 0.58
C PHE D 29 46.89 5.10 -0.51
N SER D 30 47.84 6.02 -0.37
CA SER D 30 47.97 7.12 -1.32
C SER D 30 48.41 6.66 -2.71
N SER D 31 48.74 5.38 -2.89
CA SER D 31 49.19 4.89 -4.19
C SER D 31 48.08 4.19 -4.97
N TYR D 32 46.89 4.05 -4.41
CA TYR D 32 45.86 3.21 -4.99
C TYR D 32 44.59 4.01 -5.30
N GLY D 33 44.03 3.75 -6.48
CA GLY D 33 42.64 4.08 -6.70
C GLY D 33 41.75 3.18 -5.86
N ILE D 34 40.67 3.75 -5.33
CA ILE D 34 39.72 3.00 -4.50
C ILE D 34 38.32 3.20 -5.05
N HIS D 35 37.52 2.14 -5.00
CA HIS D 35 36.13 2.15 -5.42
C HIS D 35 35.19 2.08 -4.23
N TRP D 36 33.98 2.59 -4.43
CA TRP D 36 32.82 2.26 -3.61
C TRP D 36 31.93 1.32 -4.41
N VAL D 37 31.49 0.25 -3.77
CA VAL D 37 30.56 -0.72 -4.35
C VAL D 37 29.48 -1.00 -3.32
N ARG D 38 28.24 -1.17 -3.78
CA ARG D 38 27.15 -1.40 -2.85
C ARG D 38 26.35 -2.63 -3.25
N GLN D 39 25.60 -3.15 -2.28
CA GLN D 39 24.79 -4.35 -2.45
C GLN D 39 23.50 -4.16 -1.67
N ALA D 40 22.40 -4.01 -2.39
CA ALA D 40 21.10 -3.84 -1.75
C ALA D 40 20.65 -5.19 -1.16
N PRO D 41 19.76 -5.17 -0.16
CA PRO D 41 19.29 -6.43 0.43
C PRO D 41 18.75 -7.40 -0.60
N GLY D 42 19.36 -8.58 -0.68
CA GLY D 42 18.93 -9.64 -1.58
C GLY D 42 19.36 -9.49 -3.02
N LYS D 43 20.16 -8.48 -3.36
CA LYS D 43 20.51 -8.16 -4.73
C LYS D 43 22.01 -8.35 -4.95
N GLY D 44 22.44 -8.13 -6.20
CA GLY D 44 23.83 -8.28 -6.58
C GLY D 44 24.66 -7.06 -6.23
N LEU D 45 25.90 -7.09 -6.71
CA LEU D 45 26.83 -5.99 -6.48
C LEU D 45 26.63 -4.90 -7.52
N GLU D 46 26.70 -3.65 -7.07
CA GLU D 46 26.54 -2.50 -7.98
C GLU D 46 27.71 -1.55 -7.76
N TRP D 47 28.55 -1.36 -8.77
CA TRP D 47 29.68 -0.41 -8.66
C TRP D 47 29.09 0.98 -8.45
N VAL D 48 29.69 1.78 -7.56
CA VAL D 48 29.12 3.12 -7.25
C VAL D 48 30.05 4.24 -7.75
N ALA D 49 31.34 4.20 -7.40
CA ALA D 49 32.23 5.31 -7.78
C ALA D 49 33.69 4.90 -7.62
N LEU D 50 34.55 5.57 -8.39
CA LEU D 50 36.00 5.39 -8.35
C LEU D 50 36.67 6.75 -8.16
N ILE D 51 37.69 6.76 -7.34
CA ILE D 51 38.51 7.99 -7.26
C ILE D 51 39.92 7.50 -7.55
N TRP D 52 40.75 8.35 -8.18
CA TRP D 52 42.18 8.02 -8.43
C TRP D 52 42.96 8.14 -7.12
N TYR D 53 44.25 7.67 -7.12
CA TYR D 53 45.13 7.66 -5.95
C TYR D 53 45.34 9.05 -5.36
N ASP D 54 45.32 10.12 -6.17
CA ASP D 54 45.57 11.50 -5.68
C ASP D 54 44.25 12.27 -5.63
N GLY D 55 43.14 11.54 -5.68
CA GLY D 55 41.78 12.12 -5.65
C GLY D 55 41.54 13.07 -6.80
N SER D 56 42.07 12.76 -7.99
CA SER D 56 41.88 13.67 -9.15
C SER D 56 40.70 13.20 -10.00
N ASN D 57 40.88 12.14 -10.79
CA ASN D 57 39.78 11.65 -11.67
C ASN D 57 38.74 10.91 -10.83
N LYS D 58 37.46 11.26 -11.01
CA LYS D 58 36.35 10.64 -10.26
C LYS D 58 35.29 10.14 -11.25
N TYR D 59 34.79 8.92 -11.06
CA TYR D 59 33.76 8.32 -11.95
C TYR D 59 32.60 7.82 -11.09
N TYR D 60 31.38 7.95 -11.60
CA TYR D 60 30.18 7.57 -10.87
C TYR D 60 29.25 6.75 -11.76
N ALA D 61 28.52 5.83 -11.13
CA ALA D 61 27.41 5.18 -11.81
C ALA D 61 26.27 6.17 -12.03
N ASP D 62 25.55 5.98 -13.13
CA ASP D 62 24.44 6.88 -13.46
C ASP D 62 23.39 6.93 -12.36
N SER D 63 23.25 5.85 -11.60
CA SER D 63 22.24 5.79 -10.56
C SER D 63 22.54 6.70 -9.39
N VAL D 64 23.76 7.22 -9.27
CA VAL D 64 24.14 8.03 -8.10
C VAL D 64 24.74 9.35 -8.54
N LYS D 65 24.94 9.54 -9.84
CA LYS D 65 25.63 10.72 -10.33
C LYS D 65 24.84 11.99 -9.98
N GLY D 66 25.56 13.03 -9.56
CA GLY D 66 24.95 14.27 -9.17
C GLY D 66 24.36 14.28 -7.77
N ARG D 67 24.20 13.12 -7.14
CA ARG D 67 23.78 13.03 -5.76
C ARG D 67 24.90 12.60 -4.84
N PHE D 68 25.82 11.77 -5.31
CA PHE D 68 26.93 11.25 -4.53
C PHE D 68 28.22 11.91 -4.97
N THR D 69 29.11 12.15 -4.01
CA THR D 69 30.41 12.75 -4.28
C THR D 69 31.47 11.94 -3.56
N ILE D 70 32.49 11.51 -4.31
CA ILE D 70 33.59 10.72 -3.76
C ILE D 70 34.77 11.65 -3.52
N SER D 71 35.49 11.41 -2.43
CA SER D 71 36.64 12.25 -2.08
C SER D 71 37.57 11.43 -1.20
N ARG D 72 38.78 11.95 -0.99
CA ARG D 72 39.73 11.24 -0.14
C ARG D 72 40.66 12.23 0.53
N ASP D 73 41.21 11.80 1.66
CA ASP D 73 42.17 12.57 2.44
C ASP D 73 43.34 11.63 2.71
N ASN D 74 44.33 11.65 1.82
CA ASN D 74 45.46 10.73 1.96
C ASN D 74 46.23 10.94 3.26
N SER D 75 46.17 12.14 3.84
CA SER D 75 46.87 12.37 5.11
C SER D 75 46.24 11.59 6.27
N LYS D 76 44.98 11.19 6.14
CA LYS D 76 44.30 10.37 7.14
C LYS D 76 44.03 8.95 6.64
N ASN D 77 44.56 8.61 5.47
CA ASN D 77 44.35 7.29 4.86
C ASN D 77 42.87 6.94 4.79
N THR D 78 42.04 7.94 4.44
CA THR D 78 40.60 7.77 4.46
C THR D 78 40.00 8.20 3.12
N LEU D 79 38.99 7.45 2.69
CA LEU D 79 38.18 7.72 1.52
C LEU D 79 36.77 8.06 1.97
N TYR D 80 36.08 8.93 1.23
CA TYR D 80 34.76 9.39 1.63
C TYR D 80 33.75 9.20 0.51
N LEU D 81 32.48 9.07 0.90
CA LEU D 81 31.36 9.10 -0.04
C LEU D 81 30.28 9.94 0.61
N GLN D 82 30.07 11.15 0.10
CA GLN D 82 28.98 12.00 0.55
C GLN D 82 27.74 11.69 -0.28
N MET D 83 26.69 11.24 0.40
CA MET D 83 25.43 10.87 -0.22
C MET D 83 24.40 11.95 0.11
N ASN D 84 23.82 12.56 -0.92
CA ASN D 84 22.78 13.56 -0.77
C ASN D 84 21.50 13.06 -1.41
N SER D 85 20.38 13.66 -0.98
CA SER D 85 19.06 13.34 -1.53
C SER D 85 18.83 11.84 -1.54
N LEU D 86 19.08 11.21 -0.39
CA LEU D 86 19.05 9.76 -0.31
C LEU D 86 17.68 9.21 -0.67
N ARG D 87 17.67 8.20 -1.52
CA ARG D 87 16.44 7.52 -1.90
C ARG D 87 16.32 6.22 -1.11
N ALA D 88 15.09 5.75 -0.96
CA ALA D 88 14.88 4.46 -0.31
C ALA D 88 15.73 3.38 -0.97
N GLU D 89 15.86 3.44 -2.31
CA GLU D 89 16.61 2.46 -3.08
C GLU D 89 18.12 2.54 -2.85
N ASP D 90 18.60 3.55 -2.11
CA ASP D 90 20.01 3.61 -1.72
C ASP D 90 20.32 2.72 -0.51
N THR D 91 19.31 2.08 0.08
CA THR D 91 19.54 1.16 1.17
C THR D 91 20.40 0.00 0.69
N ALA D 92 21.58 -0.17 1.30
CA ALA D 92 22.50 -1.21 0.87
C ALA D 92 23.68 -1.27 1.83
N VAL D 93 24.42 -2.38 1.78
CA VAL D 93 25.75 -2.45 2.37
C VAL D 93 26.72 -1.77 1.42
N TYR D 94 27.49 -0.80 1.93
CA TYR D 94 28.45 -0.07 1.10
C TYR D 94 29.86 -0.58 1.38
N TYR D 95 30.55 -1.02 0.32
CA TYR D 95 31.92 -1.53 0.40
C TYR D 95 32.90 -0.53 -0.22
N CYS D 96 34.08 -0.39 0.38
CA CYS D 96 35.21 0.16 -0.36
C CYS D 96 36.08 -0.99 -0.86
N ALA D 97 36.65 -0.81 -2.04
CA ALA D 97 37.41 -1.87 -2.69
C ALA D 97 38.55 -1.25 -3.47
N ARG D 98 39.72 -1.87 -3.38
CA ARG D 98 40.93 -1.33 -3.93
C ARG D 98 41.18 -1.87 -5.33
N ASP D 99 41.67 -1.00 -6.21
CA ASP D 99 42.20 -1.46 -7.48
C ASP D 99 43.38 -2.38 -7.21
N GLY D 100 43.33 -3.60 -7.77
CA GLY D 100 44.33 -4.59 -7.42
C GLY D 100 45.73 -4.30 -7.90
N GLY D 101 45.88 -3.42 -8.89
CA GLY D 101 47.20 -3.06 -9.38
C GLY D 101 47.97 -4.19 -10.05
N HIS D 102 47.27 -5.21 -10.55
CA HIS D 102 47.97 -6.31 -11.21
C HIS D 102 48.75 -5.81 -12.43
N SER D 103 48.21 -4.84 -13.15
CA SER D 103 48.93 -4.25 -14.27
C SER D 103 48.79 -2.74 -14.24
N THR D 104 49.80 -2.05 -14.76
CA THR D 104 49.85 -0.56 -14.72
C THR D 104 49.22 0.07 -15.97
N SER D 105 48.92 -0.72 -17.00
CA SER D 105 48.41 -0.14 -18.25
C SER D 105 46.89 -0.12 -18.32
N TRP D 106 46.20 -0.63 -17.30
CA TRP D 106 44.74 -0.64 -17.29
C TRP D 106 44.29 -0.68 -15.84
N SER D 107 43.02 -0.37 -15.62
CA SER D 107 42.44 -0.61 -14.31
C SER D 107 42.37 -2.12 -14.05
N ASN D 108 42.17 -2.47 -12.78
CA ASN D 108 42.33 -3.85 -12.33
C ASN D 108 41.10 -4.32 -11.57
N ALA D 109 41.01 -5.65 -11.42
CA ALA D 109 40.02 -6.25 -10.55
C ALA D 109 40.25 -5.79 -9.11
N PHE D 110 39.21 -5.91 -8.29
CA PHE D 110 39.19 -5.32 -6.95
C PHE D 110 39.70 -6.37 -5.96
N ASP D 111 40.93 -6.19 -5.45
CA ASP D 111 41.52 -7.29 -4.70
C ASP D 111 41.27 -7.20 -3.20
N ILE D 112 41.13 -6.02 -2.63
CA ILE D 112 40.94 -5.86 -1.19
C ILE D 112 39.63 -5.14 -0.97
N TRP D 113 38.75 -5.76 -0.18
CA TRP D 113 37.46 -5.18 0.18
C TRP D 113 37.39 -5.00 1.68
N GLY D 114 36.59 -4.01 2.09
CA GLY D 114 36.24 -3.88 3.49
C GLY D 114 35.12 -4.82 3.87
N GLN D 115 34.73 -4.77 5.14
CA GLN D 115 33.63 -5.58 5.64
C GLN D 115 32.27 -5.03 5.23
N GLY D 116 32.20 -3.77 4.87
CA GLY D 116 30.97 -3.09 4.48
C GLY D 116 30.33 -2.37 5.64
N THR D 117 29.52 -1.36 5.31
CA THR D 117 28.75 -0.62 6.30
C THR D 117 27.32 -0.50 5.79
N MET D 118 26.35 -0.84 6.64
CA MET D 118 24.94 -0.89 6.22
C MET D 118 24.29 0.48 6.32
N VAL D 119 23.68 0.92 5.22
CA VAL D 119 22.92 2.17 5.19
C VAL D 119 21.46 1.83 4.99
N THR D 120 20.61 2.25 5.93
CA THR D 120 19.18 1.96 5.89
C THR D 120 18.44 3.29 5.72
N VAL D 121 17.98 3.56 4.50
CA VAL D 121 17.25 4.78 4.20
C VAL D 121 15.79 4.55 4.54
N SER D 122 15.32 5.17 5.62
CA SER D 122 14.01 4.91 6.17
C SER D 122 13.62 6.02 7.11
N SER D 123 12.33 6.36 7.11
CA SER D 123 11.80 7.32 8.06
C SER D 123 11.08 6.63 9.21
N ALA D 124 11.21 5.32 9.33
CA ALA D 124 10.54 4.59 10.41
C ALA D 124 11.13 4.95 11.76
N SER D 125 10.29 4.92 12.78
CA SER D 125 10.71 5.19 14.14
C SER D 125 11.16 3.90 14.81
N THR D 126 12.09 4.04 15.76
CA THR D 126 12.50 2.92 16.58
C THR D 126 11.29 2.34 17.33
N LYS D 127 11.05 1.05 17.15
CA LYS D 127 9.87 0.41 17.74
C LYS D 127 10.22 -1.03 18.10
N GLY D 128 9.83 -1.42 19.31
CA GLY D 128 9.97 -2.79 19.74
C GLY D 128 8.91 -3.68 19.13
N PRO D 129 9.22 -4.96 19.02
CA PRO D 129 8.27 -5.90 18.39
C PRO D 129 7.13 -6.31 19.31
N SER D 130 6.00 -6.60 18.69
CA SER D 130 4.93 -7.35 19.34
C SER D 130 5.12 -8.84 19.05
N VAL D 131 4.99 -9.67 20.07
CA VAL D 131 5.27 -11.10 19.96
C VAL D 131 3.96 -11.86 20.16
N PHE D 132 3.53 -12.57 19.12
CA PHE D 132 2.29 -13.32 19.13
C PHE D 132 2.57 -14.82 18.98
N PRO D 133 1.79 -15.67 19.65
CA PRO D 133 2.06 -17.11 19.54
C PRO D 133 1.58 -17.70 18.22
N LEU D 134 2.34 -18.69 17.76
CA LEU D 134 1.93 -19.56 16.67
C LEU D 134 1.67 -20.91 17.33
N ALA D 135 0.44 -21.11 17.80
CA ALA D 135 0.14 -22.24 18.66
C ALA D 135 0.12 -23.54 17.86
N PRO D 136 0.50 -24.65 18.49
CA PRO D 136 0.44 -25.94 17.78
C PRO D 136 -0.99 -26.33 17.45
N SER D 137 -1.18 -26.84 16.23
CA SER D 137 -2.47 -27.36 15.82
C SER D 137 -3.03 -28.34 16.86
N GLY D 143 1.80 -37.18 12.84
CA GLY D 143 3.01 -37.96 12.59
C GLY D 143 3.96 -37.97 13.77
N GLY D 144 3.50 -37.45 14.91
CA GLY D 144 4.28 -37.41 16.12
C GLY D 144 5.06 -36.14 16.34
N THR D 145 5.03 -35.21 15.38
CA THR D 145 5.80 -33.97 15.46
C THR D 145 4.88 -32.79 15.23
N ALA D 146 4.90 -31.84 16.16
CA ALA D 146 4.07 -30.65 16.08
C ALA D 146 4.97 -29.43 15.86
N ALA D 147 4.43 -28.45 15.15
CA ALA D 147 5.13 -27.20 14.89
C ALA D 147 4.47 -26.09 15.70
N LEU D 148 5.30 -25.27 16.36
CA LEU D 148 4.83 -24.09 17.07
C LEU D 148 5.85 -22.99 16.83
N GLY D 149 5.50 -21.77 17.19
CA GLY D 149 6.46 -20.69 17.02
C GLY D 149 5.95 -19.39 17.58
N CYS D 150 6.67 -18.33 17.22
CA CYS D 150 6.35 -16.97 17.63
C CYS D 150 6.45 -16.06 16.42
N LEU D 151 5.46 -15.19 16.27
CA LEU D 151 5.49 -14.15 15.26
C LEU D 151 6.01 -12.86 15.89
N VAL D 152 7.13 -12.37 15.38
CA VAL D 152 7.80 -11.19 15.92
C VAL D 152 7.54 -10.06 14.93
N LYS D 153 6.50 -9.26 15.21
CA LYS D 153 5.94 -8.34 14.22
C LYS D 153 6.14 -6.87 14.61
N ASP D 154 6.39 -6.06 13.60
CA ASP D 154 6.36 -4.60 13.70
C ASP D 154 7.45 -4.05 14.61
N TYR D 155 8.72 -4.27 14.23
CA TYR D 155 9.84 -3.65 14.94
C TYR D 155 10.71 -2.92 13.95
N PHE D 156 11.54 -2.02 14.48
CA PHE D 156 12.50 -1.26 13.69
C PHE D 156 13.51 -0.62 14.64
N PRO D 157 14.80 -0.61 14.29
CA PRO D 157 15.37 -1.25 13.10
C PRO D 157 15.73 -2.72 13.37
N GLU D 158 16.35 -3.37 12.39
CA GLU D 158 16.93 -4.68 12.59
C GLU D 158 18.15 -4.55 13.50
N PRO D 159 18.53 -5.64 14.20
CA PRO D 159 17.93 -6.97 14.22
C PRO D 159 17.21 -7.31 15.52
N VAL D 160 16.50 -8.45 15.52
CA VAL D 160 16.02 -9.06 16.74
C VAL D 160 16.74 -10.39 16.89
N THR D 161 16.78 -10.90 18.12
CA THR D 161 17.23 -12.26 18.37
C THR D 161 16.09 -13.05 18.99
N VAL D 162 16.03 -14.33 18.66
CA VAL D 162 15.04 -15.24 19.23
C VAL D 162 15.76 -16.48 19.72
N SER D 163 15.50 -16.84 20.98
CA SER D 163 15.91 -18.12 21.52
C SER D 163 14.67 -18.84 22.04
N TRP D 164 14.82 -20.12 22.37
CA TRP D 164 13.72 -20.90 22.88
C TRP D 164 14.12 -21.53 24.20
N ASN D 165 13.23 -21.45 25.20
CA ASN D 165 13.47 -21.97 26.54
C ASN D 165 14.84 -21.53 27.08
N SER D 166 15.12 -20.24 26.91
CA SER D 166 16.36 -19.62 27.40
C SER D 166 17.60 -20.29 26.80
N GLY D 167 17.50 -20.79 25.57
CA GLY D 167 18.61 -21.44 24.92
C GLY D 167 18.69 -22.94 25.12
N ALA D 168 17.85 -23.50 25.98
CA ALA D 168 17.86 -24.95 26.19
C ALA D 168 17.36 -25.69 24.95
N LEU D 169 16.41 -25.09 24.22
CA LEU D 169 15.85 -25.71 23.03
C LEU D 169 16.53 -25.10 21.81
N THR D 170 17.29 -25.92 21.09
CA THR D 170 17.96 -25.49 19.86
C THR D 170 17.64 -26.37 18.66
N SER D 171 17.48 -27.68 18.87
CA SER D 171 17.20 -28.57 17.76
C SER D 171 15.84 -28.27 17.17
N GLY D 172 15.76 -28.22 15.84
CA GLY D 172 14.50 -28.03 15.15
C GLY D 172 14.04 -26.60 15.03
N VAL D 173 14.85 -25.63 15.45
CA VAL D 173 14.48 -24.22 15.41
C VAL D 173 14.82 -23.64 14.05
N HIS D 174 13.86 -22.95 13.44
CA HIS D 174 14.10 -22.11 12.28
C HIS D 174 13.60 -20.72 12.60
N THR D 175 14.51 -19.74 12.56
CA THR D 175 14.16 -18.33 12.72
C THR D 175 14.37 -17.67 11.36
N PHE D 176 13.28 -17.27 10.72
CA PHE D 176 13.37 -16.81 9.36
C PHE D 176 14.01 -15.43 9.29
N PRO D 177 14.65 -15.10 8.17
CA PRO D 177 15.10 -13.73 7.96
C PRO D 177 13.93 -12.77 8.02
N ALA D 178 14.19 -11.56 8.51
CA ALA D 178 13.16 -10.54 8.58
C ALA D 178 12.79 -10.08 7.17
N VAL D 179 11.53 -9.68 7.02
CA VAL D 179 11.06 -9.09 5.78
C VAL D 179 10.47 -7.72 6.11
N LEU D 180 10.75 -6.74 5.25
CA LEU D 180 10.26 -5.38 5.47
C LEU D 180 8.83 -5.27 4.97
N GLN D 181 7.91 -4.91 5.87
CA GLN D 181 6.53 -4.75 5.46
C GLN D 181 6.31 -3.40 4.80
N SER D 182 5.17 -3.27 4.12
CA SER D 182 4.84 -2.02 3.45
C SER D 182 4.67 -0.87 4.45
N SER D 183 4.46 -1.17 5.73
CA SER D 183 4.44 -0.14 6.75
C SER D 183 5.83 0.44 7.05
N GLY D 184 6.88 -0.19 6.54
CA GLY D 184 8.23 0.21 6.87
C GLY D 184 8.79 -0.43 8.13
N LEU D 185 8.02 -1.29 8.78
CA LEU D 185 8.48 -2.05 9.93
C LEU D 185 8.77 -3.49 9.54
N TYR D 186 9.68 -4.12 10.27
CA TYR D 186 10.09 -5.48 9.97
C TYR D 186 9.19 -6.47 10.71
N SER D 187 9.27 -7.73 10.29
CA SER D 187 8.53 -8.81 10.91
C SER D 187 9.18 -10.13 10.54
N LEU D 188 9.18 -11.08 11.48
CA LEU D 188 9.63 -12.43 11.19
C LEU D 188 8.91 -13.39 12.12
N SER D 189 9.01 -14.67 11.79
CA SER D 189 8.55 -15.74 12.67
C SER D 189 9.74 -16.62 13.04
N SER D 190 9.67 -17.21 14.22
CA SER D 190 10.59 -18.27 14.62
C SER D 190 9.75 -19.48 14.96
N VAL D 191 10.09 -20.63 14.38
CA VAL D 191 9.30 -21.84 14.53
C VAL D 191 10.20 -22.97 15.01
N VAL D 192 9.57 -23.99 15.59
CA VAL D 192 10.30 -25.17 16.04
C VAL D 192 9.34 -26.36 15.97
N THR D 193 9.85 -27.50 15.53
CA THR D 193 9.10 -28.75 15.54
C THR D 193 9.43 -29.51 16.81
N VAL D 194 8.40 -29.98 17.51
CA VAL D 194 8.53 -30.58 18.82
C VAL D 194 7.77 -31.91 18.83
N PRO D 195 8.02 -32.77 19.81
CA PRO D 195 7.18 -33.98 19.95
C PRO D 195 5.78 -33.61 20.39
N SER D 196 4.79 -34.16 19.69
CA SER D 196 3.41 -33.89 20.07
C SER D 196 3.03 -34.58 21.38
N SER D 197 3.75 -35.64 21.78
CA SER D 197 3.42 -36.33 23.01
C SER D 197 3.57 -35.43 24.23
N SER D 198 4.46 -34.44 24.16
CA SER D 198 4.81 -33.62 25.31
C SER D 198 4.20 -32.23 25.24
N LEU D 199 3.16 -32.05 24.43
CA LEU D 199 2.56 -30.73 24.26
C LEU D 199 1.87 -30.25 25.54
N GLY D 200 1.28 -31.16 26.30
CA GLY D 200 0.65 -30.76 27.55
C GLY D 200 1.64 -30.56 28.68
N THR D 201 2.78 -31.24 28.62
CA THR D 201 3.76 -31.23 29.71
C THR D 201 4.87 -30.20 29.51
N GLN D 202 5.49 -30.19 28.33
CA GLN D 202 6.64 -29.35 28.11
C GLN D 202 6.23 -27.91 27.84
N THR D 203 6.87 -26.99 28.56
CA THR D 203 6.64 -25.56 28.38
C THR D 203 7.53 -25.04 27.26
N TYR D 204 6.95 -24.25 26.36
CA TYR D 204 7.69 -23.66 25.24
C TYR D 204 7.52 -22.15 25.29
N ILE D 205 8.65 -21.44 25.45
CA ILE D 205 8.66 -20.00 25.62
C ILE D 205 9.69 -19.44 24.65
N CYS D 206 9.27 -18.52 23.80
CA CYS D 206 10.22 -17.85 22.95
C CYS D 206 10.69 -16.57 23.62
N ASN D 207 11.99 -16.34 23.59
CA ASN D 207 12.67 -15.21 24.22
C ASN D 207 13.12 -14.29 23.09
N VAL D 208 12.49 -13.13 22.97
CA VAL D 208 12.77 -12.18 21.91
C VAL D 208 13.52 -11.00 22.49
N ASN D 209 14.62 -10.63 21.87
CA ASN D 209 15.42 -9.48 22.29
C ASN D 209 15.54 -8.52 21.12
N HIS D 210 15.12 -7.27 21.33
CA HIS D 210 15.30 -6.21 20.34
C HIS D 210 16.10 -5.10 21.01
N LYS D 211 17.41 -5.16 20.85
CA LYS D 211 18.32 -4.24 21.52
C LYS D 211 18.17 -2.79 21.06
N PRO D 212 17.88 -2.49 19.78
CA PRO D 212 17.68 -1.08 19.40
C PRO D 212 16.60 -0.37 20.19
N SER D 213 15.62 -1.09 20.73
CA SER D 213 14.60 -0.48 21.57
C SER D 213 14.71 -0.90 23.03
N ASN D 214 15.69 -1.73 23.39
CA ASN D 214 15.90 -2.20 24.76
C ASN D 214 14.68 -2.95 25.28
N THR D 215 14.04 -3.70 24.40
CA THR D 215 12.86 -4.48 24.75
C THR D 215 13.19 -5.97 24.77
N LYS D 216 12.69 -6.66 25.78
CA LYS D 216 12.82 -8.10 25.92
C LYS D 216 11.44 -8.67 26.21
N VAL D 217 11.01 -9.64 25.40
CA VAL D 217 9.69 -10.26 25.55
C VAL D 217 9.86 -11.77 25.64
N ASP D 218 9.22 -12.37 26.64
CA ASP D 218 9.07 -13.81 26.73
C ASP D 218 7.60 -14.16 26.49
N LYS D 219 7.35 -15.06 25.55
CA LYS D 219 5.98 -15.49 25.24
C LYS D 219 5.89 -16.99 25.35
N LYS D 220 5.02 -17.47 26.24
CA LYS D 220 4.68 -18.88 26.27
C LYS D 220 3.75 -19.21 25.11
N VAL D 221 4.00 -20.35 24.47
CA VAL D 221 3.20 -20.82 23.35
C VAL D 221 2.58 -22.16 23.76
N GLU D 222 1.26 -22.21 23.82
CA GLU D 222 0.52 -23.38 24.26
C GLU D 222 -0.66 -23.63 23.33
N PRO D 223 -1.26 -24.84 23.39
CA PRO D 223 -2.48 -25.14 22.64
C PRO D 223 -3.63 -24.21 23.00
N ASP E 1 26.30 0.88 -22.52
CA ASP E 1 26.94 0.19 -21.40
C ASP E 1 27.16 -1.27 -21.74
N ILE E 2 27.90 -1.97 -20.89
CA ILE E 2 28.23 -3.37 -21.10
C ILE E 2 27.56 -4.20 -20.02
N GLN E 3 26.68 -5.10 -20.42
CA GLN E 3 26.02 -6.03 -19.52
C GLN E 3 26.77 -7.37 -19.52
N VAL E 4 26.91 -7.96 -18.33
CA VAL E 4 27.40 -9.32 -18.18
C VAL E 4 26.28 -10.17 -17.59
N THR E 5 26.04 -11.33 -18.18
CA THR E 5 24.95 -12.20 -17.78
C THR E 5 25.49 -13.57 -17.44
N GLN E 6 25.08 -14.12 -16.31
CA GLN E 6 25.60 -15.38 -15.82
C GLN E 6 24.55 -16.49 -15.96
N SER E 7 25.05 -17.70 -16.16
CA SER E 7 24.23 -18.90 -16.31
C SER E 7 24.98 -20.06 -15.67
N PRO E 8 24.29 -20.94 -14.93
CA PRO E 8 22.87 -20.79 -14.59
C PRO E 8 22.75 -19.83 -13.41
N SER E 9 21.53 -19.52 -12.97
CA SER E 9 21.38 -18.64 -11.81
C SER E 9 21.59 -19.41 -10.50
N THR E 10 21.18 -20.67 -10.45
CA THR E 10 21.44 -21.56 -9.33
C THR E 10 21.99 -22.87 -9.86
N LEU E 11 23.09 -23.34 -9.26
CA LEU E 11 23.71 -24.61 -9.64
C LEU E 11 23.73 -25.51 -8.42
N SER E 12 23.03 -26.64 -8.49
CA SER E 12 23.03 -27.63 -7.43
C SER E 12 24.10 -28.68 -7.72
N ALA E 13 24.94 -28.95 -6.73
CA ALA E 13 26.07 -29.86 -6.92
C ALA E 13 26.51 -30.39 -5.56
N SER E 14 27.31 -31.45 -5.61
CA SER E 14 27.80 -32.14 -4.42
C SER E 14 29.31 -31.96 -4.28
N VAL E 15 29.78 -32.08 -3.03
CA VAL E 15 31.21 -32.05 -2.78
C VAL E 15 31.89 -33.07 -3.67
N GLY E 16 32.99 -32.68 -4.30
CA GLY E 16 33.70 -33.53 -5.22
C GLY E 16 33.32 -33.35 -6.68
N ASP E 17 32.13 -32.81 -6.95
CA ASP E 17 31.72 -32.59 -8.33
C ASP E 17 32.57 -31.50 -8.97
N ARG E 18 32.66 -31.54 -10.29
CA ARG E 18 33.21 -30.43 -11.04
C ARG E 18 32.07 -29.52 -11.46
N VAL E 19 32.30 -28.21 -11.38
CA VAL E 19 31.30 -27.19 -11.67
C VAL E 19 31.88 -26.21 -12.66
N THR E 20 31.16 -25.97 -13.75
CA THR E 20 31.53 -24.95 -14.73
C THR E 20 30.37 -23.97 -14.88
N ILE E 21 30.66 -22.68 -14.71
CA ILE E 21 29.64 -21.64 -14.82
C ILE E 21 30.09 -20.63 -15.85
N THR E 22 29.12 -20.05 -16.54
CA THR E 22 29.41 -19.22 -17.70
C THR E 22 28.99 -17.77 -17.45
N CYS E 23 29.71 -16.87 -18.10
CA CYS E 23 29.49 -15.42 -18.05
C CYS E 23 29.56 -14.92 -19.49
N ARG E 24 28.55 -14.15 -19.91
CA ARG E 24 28.52 -13.60 -21.25
C ARG E 24 28.41 -12.08 -21.22
N ALA E 25 29.22 -11.41 -22.03
CA ALA E 25 29.22 -9.95 -22.11
C ALA E 25 28.40 -9.48 -23.30
N SER E 26 27.73 -8.33 -23.12
CA SER E 26 26.92 -7.74 -24.18
C SER E 26 27.73 -7.46 -25.43
N GLN E 27 29.00 -7.06 -25.23
CA GLN E 27 29.93 -6.78 -26.34
C GLN E 27 31.34 -7.23 -25.93
N SER E 28 32.31 -7.16 -26.83
CA SER E 28 33.67 -7.64 -26.47
C SER E 28 34.23 -6.81 -25.31
N ILE E 29 34.73 -7.49 -24.28
CA ILE E 29 35.39 -6.85 -23.11
C ILE E 29 36.86 -7.27 -23.10
N SER E 30 37.32 -7.75 -24.27
CA SER E 30 38.68 -8.29 -24.45
C SER E 30 38.89 -9.38 -23.39
N SER E 31 39.90 -9.21 -22.54
CA SER E 31 40.13 -10.19 -21.44
C SER E 31 39.85 -9.52 -20.09
N TRP E 32 39.20 -8.36 -20.06
CA TRP E 32 38.99 -7.66 -18.77
C TRP E 32 37.76 -8.21 -18.03
N LEU E 33 37.85 -9.46 -17.55
CA LEU E 33 36.74 -10.08 -16.77
C LEU E 33 37.30 -10.66 -15.48
N ALA E 34 36.62 -10.37 -14.37
CA ALA E 34 37.06 -10.89 -13.07
C ALA E 34 35.97 -11.79 -12.47
N TRP E 35 36.39 -12.75 -11.62
CA TRP E 35 35.46 -13.65 -10.96
C TRP E 35 35.60 -13.48 -9.46
N TYR E 36 34.47 -13.37 -8.78
CA TYR E 36 34.42 -13.13 -7.34
C TYR E 36 33.59 -14.21 -6.67
N GLN E 37 33.95 -14.51 -5.43
CA GLN E 37 33.19 -15.38 -4.57
C GLN E 37 32.60 -14.56 -3.42
N GLN E 38 31.32 -14.81 -3.10
CA GLN E 38 30.70 -14.13 -1.96
C GLN E 38 29.82 -15.11 -1.19
N LYS E 39 30.09 -15.25 0.09
CA LYS E 39 29.22 -15.91 1.05
C LYS E 39 28.28 -14.89 1.67
N PRO E 40 27.10 -15.31 2.13
CA PRO E 40 26.09 -14.34 2.59
C PRO E 40 26.63 -13.41 3.67
N GLY E 41 26.38 -12.11 3.49
CA GLY E 41 26.81 -11.11 4.45
C GLY E 41 28.29 -10.91 4.56
N LYS E 42 29.08 -11.41 3.62
CA LYS E 42 30.53 -11.30 3.67
C LYS E 42 31.03 -10.49 2.48
N ALA E 43 32.18 -9.88 2.65
CA ALA E 43 32.79 -9.15 1.55
C ALA E 43 33.10 -10.12 0.40
N PRO E 44 32.91 -9.69 -0.84
CA PRO E 44 33.34 -10.53 -1.97
C PRO E 44 34.84 -10.73 -1.97
N LYS E 45 35.26 -11.87 -2.50
CA LYS E 45 36.66 -12.24 -2.57
C LYS E 45 37.06 -12.45 -4.03
N LEU E 46 38.17 -11.84 -4.44
CA LEU E 46 38.63 -11.98 -5.82
C LEU E 46 39.24 -13.35 -6.05
N LEU E 47 38.74 -14.05 -7.08
CA LEU E 47 39.24 -15.41 -7.41
C LEU E 47 40.12 -15.35 -8.65
N ILE E 48 39.60 -14.76 -9.73
CA ILE E 48 40.34 -14.71 -11.01
C ILE E 48 40.29 -13.31 -11.63
N TYR E 49 41.42 -12.84 -12.19
CA TYR E 49 41.46 -11.54 -12.88
C TYR E 49 41.99 -11.76 -14.29
N LYS E 50 41.65 -10.86 -15.21
CA LYS E 50 42.08 -10.94 -16.63
C LYS E 50 41.66 -12.30 -17.24
N ALA E 51 40.44 -12.75 -16.96
CA ALA E 51 39.80 -13.98 -17.50
C ALA E 51 40.36 -15.31 -16.97
N SER E 52 41.69 -15.50 -17.01
CA SER E 52 42.29 -16.81 -16.61
C SER E 52 43.37 -16.69 -15.51
N SER E 53 43.72 -15.49 -15.06
CA SER E 53 44.80 -15.39 -14.03
C SER E 53 44.27 -15.68 -12.62
N LEU E 54 44.97 -16.56 -11.89
CA LEU E 54 44.57 -16.95 -10.52
C LEU E 54 45.08 -15.92 -9.51
N GLU E 55 44.17 -15.32 -8.73
CA GLU E 55 44.59 -14.37 -7.72
C GLU E 55 45.45 -15.07 -6.67
N SER E 56 46.51 -14.39 -6.24
CA SER E 56 47.40 -14.92 -5.21
C SER E 56 46.61 -15.45 -4.01
N GLY E 57 46.97 -16.67 -3.58
CA GLY E 57 46.34 -17.30 -2.45
C GLY E 57 45.06 -18.07 -2.75
N VAL E 58 44.47 -17.89 -3.92
CA VAL E 58 43.24 -18.62 -4.26
C VAL E 58 43.62 -20.07 -4.60
N PRO E 59 42.90 -21.07 -4.08
CA PRO E 59 43.28 -22.47 -4.35
C PRO E 59 43.26 -22.82 -5.83
N SER E 60 44.11 -23.78 -6.20
CA SER E 60 44.34 -24.13 -7.60
C SER E 60 43.12 -24.77 -8.27
N ARG E 61 42.17 -25.28 -7.48
CA ARG E 61 40.97 -25.88 -8.07
C ARG E 61 40.14 -24.85 -8.83
N PHE E 62 40.37 -23.56 -8.63
CA PHE E 62 39.69 -22.52 -9.38
C PHE E 62 40.46 -22.20 -10.65
N SER E 63 39.74 -22.11 -11.76
CA SER E 63 40.37 -21.74 -13.05
C SER E 63 39.34 -20.99 -13.90
N GLY E 64 39.80 -20.07 -14.75
CA GLY E 64 38.90 -19.29 -15.59
C GLY E 64 39.35 -19.36 -17.04
N SER E 65 38.40 -19.27 -17.97
CA SER E 65 38.74 -19.36 -19.42
C SER E 65 37.85 -18.39 -20.20
N GLY E 66 38.29 -18.00 -21.40
CA GLY E 66 37.47 -17.13 -22.25
C GLY E 66 38.15 -15.85 -22.69
N SER E 67 37.51 -15.19 -23.65
CA SER E 67 37.95 -13.91 -24.26
C SER E 67 36.78 -13.38 -25.10
N GLY E 68 36.85 -12.12 -25.51
CA GLY E 68 35.70 -11.59 -26.28
C GLY E 68 34.46 -11.51 -25.41
N THR E 69 33.38 -12.21 -25.79
CA THR E 69 32.10 -12.15 -25.04
C THR E 69 31.80 -13.43 -24.24
N GLU E 70 32.55 -14.52 -24.41
CA GLU E 70 32.21 -15.80 -23.71
C GLU E 70 33.29 -16.19 -22.69
N PHE E 71 32.91 -16.30 -21.41
CA PHE E 71 33.87 -16.66 -20.34
C PHE E 71 33.28 -17.75 -19.43
N THR E 72 34.15 -18.52 -18.78
CA THR E 72 33.68 -19.57 -17.86
C THR E 72 34.60 -19.65 -16.64
N LEU E 73 34.02 -20.07 -15.52
CA LEU E 73 34.74 -20.36 -14.29
C LEU E 73 34.50 -21.83 -13.97
N THR E 74 35.57 -22.58 -13.73
CA THR E 74 35.46 -23.99 -13.38
C THR E 74 36.09 -24.20 -12.01
N ILE E 75 35.37 -24.94 -11.16
CA ILE E 75 35.90 -25.45 -9.90
C ILE E 75 36.14 -26.93 -10.11
N SER E 76 37.41 -27.35 -10.09
CA SER E 76 37.76 -28.70 -10.56
C SER E 76 37.12 -29.77 -9.70
N SER E 77 37.00 -29.54 -8.39
CA SER E 77 36.43 -30.49 -7.45
C SER E 77 35.91 -29.67 -6.27
N LEU E 78 34.60 -29.64 -6.07
CA LEU E 78 34.02 -28.79 -5.02
C LEU E 78 34.48 -29.25 -3.64
N GLN E 79 34.89 -28.29 -2.82
CA GLN E 79 35.13 -28.45 -1.39
C GLN E 79 33.94 -27.95 -0.61
N PRO E 80 33.80 -28.33 0.67
CA PRO E 80 32.62 -27.88 1.43
C PRO E 80 32.49 -26.36 1.51
N ASP E 81 33.60 -25.65 1.63
CA ASP E 81 33.55 -24.20 1.75
C ASP E 81 33.33 -23.49 0.42
N ASP E 82 33.12 -24.24 -0.67
CA ASP E 82 32.93 -23.65 -1.99
C ASP E 82 31.48 -23.32 -2.28
N PHE E 83 30.56 -23.67 -1.40
CA PHE E 83 29.16 -23.33 -1.64
C PHE E 83 28.94 -21.86 -1.31
N ALA E 84 28.61 -21.09 -2.34
CA ALA E 84 28.64 -19.64 -2.28
C ALA E 84 27.99 -19.12 -3.56
N THR E 85 27.92 -17.80 -3.68
CA THR E 85 27.50 -17.15 -4.91
C THR E 85 28.72 -16.61 -5.62
N TYR E 86 28.78 -16.82 -6.94
CA TYR E 86 29.91 -16.41 -7.75
C TYR E 86 29.46 -15.34 -8.74
N TYR E 87 30.22 -14.26 -8.80
CA TYR E 87 29.93 -13.12 -9.65
C TYR E 87 31.05 -12.95 -10.67
N CYS E 88 30.69 -12.70 -11.92
CA CYS E 88 31.67 -12.14 -12.83
C CYS E 88 31.48 -10.64 -12.99
N GLN E 89 32.55 -9.97 -13.40
CA GLN E 89 32.57 -8.49 -13.56
C GLN E 89 33.46 -8.10 -14.74
N GLN E 90 32.96 -7.26 -15.63
CA GLN E 90 33.79 -6.78 -16.76
C GLN E 90 34.35 -5.42 -16.34
N TYR E 91 35.65 -5.19 -16.58
CA TYR E 91 36.28 -3.89 -16.24
C TYR E 91 36.84 -3.23 -17.50
N ASN E 92 36.18 -3.47 -18.64
CA ASN E 92 36.59 -2.88 -19.95
C ASN E 92 35.93 -1.52 -20.17
N SER E 93 34.61 -1.42 -19.96
CA SER E 93 33.85 -0.15 -20.10
C SER E 93 33.09 0.07 -18.79
N TYR E 94 33.63 0.93 -17.93
CA TYR E 94 33.11 1.14 -16.56
C TYR E 94 33.23 -0.19 -15.81
N TRP E 95 32.36 -0.42 -14.84
CA TRP E 95 32.41 -1.70 -14.06
C TRP E 95 30.98 -2.24 -13.92
N THR E 96 30.75 -3.44 -14.45
CA THR E 96 29.40 -4.06 -14.30
C THR E 96 29.59 -5.50 -13.86
N PHE E 97 28.75 -5.93 -12.93
CA PHE E 97 28.83 -7.31 -12.42
C PHE E 97 27.65 -8.10 -12.98
N GLY E 98 27.79 -9.42 -12.99
CA GLY E 98 26.69 -10.32 -13.30
C GLY E 98 25.74 -10.43 -12.12
N GLN E 99 24.60 -11.08 -12.37
CA GLN E 99 23.60 -11.26 -11.32
C GLN E 99 24.02 -12.32 -10.31
N GLY E 100 25.01 -13.15 -10.64
CA GLY E 100 25.50 -14.14 -9.71
C GLY E 100 24.97 -15.53 -10.00
N THR E 101 25.82 -16.53 -9.76
CA THR E 101 25.44 -17.93 -9.80
C THR E 101 25.57 -18.50 -8.40
N LYS E 102 24.45 -18.93 -7.82
CA LYS E 102 24.49 -19.55 -6.51
C LYS E 102 24.81 -21.03 -6.65
N VAL E 103 25.95 -21.44 -6.09
CA VAL E 103 26.32 -22.85 -6.04
C VAL E 103 25.78 -23.44 -4.74
N GLU E 104 24.87 -24.39 -4.86
CA GLU E 104 24.05 -24.87 -3.77
C GLU E 104 24.24 -26.38 -3.60
N ILE E 105 24.17 -26.84 -2.33
CA ILE E 105 24.41 -28.24 -2.03
C ILE E 105 23.24 -29.09 -2.51
N LYS E 106 23.53 -30.07 -3.34
CA LYS E 106 22.51 -31.01 -3.78
C LYS E 106 22.21 -32.04 -2.70
N ARG E 107 20.94 -32.43 -2.61
CA ARG E 107 20.53 -33.50 -1.72
C ARG E 107 19.28 -34.14 -2.30
N THR E 108 18.79 -35.18 -1.62
CA THR E 108 17.60 -35.89 -2.06
C THR E 108 16.36 -35.00 -1.96
N VAL E 109 15.44 -35.18 -2.92
CA VAL E 109 14.18 -34.46 -2.88
C VAL E 109 13.48 -34.72 -1.54
N ALA E 110 12.96 -33.65 -0.94
CA ALA E 110 12.23 -33.76 0.32
C ALA E 110 11.01 -32.87 0.26
N ALA E 111 9.83 -33.46 0.38
CA ALA E 111 8.61 -32.68 0.35
C ALA E 111 8.47 -31.88 1.64
N PRO E 112 7.86 -30.70 1.58
CA PRO E 112 7.68 -29.91 2.81
C PRO E 112 6.61 -30.51 3.69
N SER E 113 6.82 -30.40 5.00
CA SER E 113 5.74 -30.53 5.97
C SER E 113 5.08 -29.15 6.11
N VAL E 114 3.78 -29.10 5.87
CA VAL E 114 3.05 -27.83 5.81
C VAL E 114 2.21 -27.67 7.06
N PHE E 115 2.25 -26.47 7.64
CA PHE E 115 1.47 -26.10 8.83
C PHE E 115 0.84 -24.74 8.60
N ILE E 116 -0.39 -24.57 9.08
CA ILE E 116 -1.08 -23.29 9.03
C ILE E 116 -1.40 -22.84 10.44
N PHE E 117 -1.21 -21.55 10.70
CA PHE E 117 -1.44 -20.96 12.02
C PHE E 117 -2.43 -19.81 11.93
N PRO E 118 -3.59 -19.89 12.58
CA PRO E 118 -4.50 -18.73 12.62
C PRO E 118 -3.86 -17.56 13.35
N PRO E 119 -4.42 -16.36 13.24
CA PRO E 119 -3.90 -15.25 14.05
C PRO E 119 -4.23 -15.46 15.51
N SER E 120 -3.34 -14.95 16.36
CA SER E 120 -3.52 -15.07 17.80
C SER E 120 -4.70 -14.23 18.27
N ASP E 121 -5.31 -14.66 19.38
CA ASP E 121 -6.32 -13.82 20.03
C ASP E 121 -5.74 -12.47 20.42
N GLU E 122 -4.49 -12.45 20.87
CA GLU E 122 -3.88 -11.20 21.30
C GLU E 122 -3.71 -10.23 20.13
N GLN E 123 -3.23 -10.72 18.98
CA GLN E 123 -3.06 -9.83 17.84
C GLN E 123 -4.39 -9.23 17.40
N LEU E 124 -5.45 -10.04 17.40
CA LEU E 124 -6.74 -9.58 16.91
C LEU E 124 -7.32 -8.46 17.76
N LYS E 125 -6.85 -8.28 19.00
CA LYS E 125 -7.27 -7.12 19.79
C LYS E 125 -6.77 -5.82 19.17
N SER E 126 -5.81 -5.89 18.25
CA SER E 126 -5.10 -4.71 17.75
C SER E 126 -5.55 -4.26 16.36
N GLY E 127 -6.44 -5.01 15.71
CA GLY E 127 -6.97 -4.58 14.44
C GLY E 127 -6.27 -5.12 13.21
N THR E 128 -5.24 -5.95 13.37
CA THR E 128 -4.57 -6.62 12.27
C THR E 128 -4.54 -8.12 12.53
N ALA E 129 -4.66 -8.90 11.45
CA ALA E 129 -4.63 -10.36 11.52
C ALA E 129 -3.51 -10.89 10.65
N SER E 130 -2.64 -11.71 11.23
CA SER E 130 -1.58 -12.38 10.49
C SER E 130 -1.84 -13.87 10.48
N VAL E 131 -1.95 -14.45 9.27
CA VAL E 131 -2.08 -15.89 9.09
C VAL E 131 -0.79 -16.40 8.47
N VAL E 132 -0.20 -17.42 9.09
CA VAL E 132 1.13 -17.89 8.75
C VAL E 132 1.04 -19.31 8.22
N CYS E 133 1.69 -19.57 7.10
CA CYS E 133 1.82 -20.90 6.53
C CYS E 133 3.29 -21.29 6.52
N LEU E 134 3.60 -22.45 7.10
CA LEU E 134 4.98 -22.89 7.26
C LEU E 134 5.24 -24.09 6.35
N LEU E 135 6.31 -24.01 5.58
CA LEU E 135 6.83 -25.12 4.77
C LEU E 135 8.17 -25.51 5.38
N ASN E 136 8.23 -26.69 5.99
CA ASN E 136 9.39 -27.07 6.78
C ASN E 136 10.21 -28.15 6.08
N ASN E 137 11.54 -27.91 6.00
CA ASN E 137 12.53 -28.94 5.67
C ASN E 137 12.29 -29.57 4.30
N PHE E 138 12.31 -28.75 3.27
CA PHE E 138 12.05 -29.24 1.93
C PHE E 138 13.26 -29.01 1.02
N TYR E 139 13.25 -29.71 -0.11
CA TYR E 139 14.26 -29.56 -1.14
C TYR E 139 13.70 -30.17 -2.41
N PRO E 140 13.87 -29.52 -3.58
CA PRO E 140 14.62 -28.29 -3.80
C PRO E 140 13.89 -27.02 -3.37
N ARG E 141 14.48 -25.88 -3.71
CA ARG E 141 14.04 -24.61 -3.15
C ARG E 141 12.70 -24.16 -3.74
N GLU E 142 12.43 -24.49 -5.00
CA GLU E 142 11.23 -24.00 -5.68
C GLU E 142 9.98 -24.55 -5.01
N ALA E 143 9.15 -23.65 -4.50
CA ALA E 143 7.88 -24.01 -3.89
C ALA E 143 6.89 -22.89 -4.20
N LYS E 144 5.66 -23.27 -4.53
CA LYS E 144 4.58 -22.32 -4.77
C LYS E 144 3.60 -22.38 -3.59
N VAL E 145 3.32 -21.22 -2.99
CA VAL E 145 2.40 -21.12 -1.87
C VAL E 145 1.31 -20.13 -2.23
N GLN E 146 0.06 -20.59 -2.23
CA GLN E 146 -1.09 -19.76 -2.56
C GLN E 146 -2.06 -19.72 -1.40
N TRP E 147 -2.60 -18.54 -1.13
CA TRP E 147 -3.62 -18.34 -0.11
C TRP E 147 -5.00 -18.27 -0.74
N LYS E 148 -5.97 -18.92 -0.09
CA LYS E 148 -7.37 -18.84 -0.49
C LYS E 148 -8.22 -18.56 0.73
N VAL E 149 -9.10 -17.57 0.63
CA VAL E 149 -9.99 -17.16 1.72
C VAL E 149 -11.42 -17.30 1.20
N ASP E 150 -12.17 -18.25 1.76
CA ASP E 150 -13.48 -18.62 1.25
C ASP E 150 -13.43 -18.85 -0.26
N ASN E 151 -12.44 -19.63 -0.67
CA ASN E 151 -12.20 -20.06 -2.06
C ASN E 151 -11.72 -18.94 -2.97
N ALA E 152 -11.41 -17.77 -2.43
CA ALA E 152 -10.88 -16.66 -3.22
C ALA E 152 -9.36 -16.64 -3.08
N LEU E 153 -8.67 -16.85 -4.20
CA LEU E 153 -7.22 -16.72 -4.21
C LEU E 153 -6.82 -15.30 -3.81
N GLN E 154 -5.82 -15.20 -2.94
CA GLN E 154 -5.35 -13.92 -2.46
C GLN E 154 -4.16 -13.44 -3.28
N SER E 155 -4.03 -12.13 -3.42
CA SER E 155 -2.89 -11.56 -4.11
C SER E 155 -2.58 -10.19 -3.55
N GLY E 156 -1.30 -9.94 -3.30
CA GLY E 156 -0.84 -8.64 -2.84
C GLY E 156 -0.69 -8.50 -1.34
N ASN E 157 -1.26 -9.42 -0.56
CA ASN E 157 -1.28 -9.28 0.90
C ASN E 157 -0.50 -10.38 1.60
N SER E 158 0.47 -10.99 0.91
CA SER E 158 1.32 -11.99 1.54
C SER E 158 2.78 -11.68 1.25
N GLN E 159 3.64 -12.13 2.17
CA GLN E 159 5.09 -12.00 2.02
C GLN E 159 5.74 -13.31 2.45
N GLU E 160 6.75 -13.73 1.67
CA GLU E 160 7.48 -14.96 1.93
C GLU E 160 8.87 -14.66 2.48
N SER E 161 9.33 -15.56 3.34
CA SER E 161 10.70 -15.55 3.85
C SER E 161 11.22 -16.98 3.80
N VAL E 162 12.47 -17.13 3.39
CA VAL E 162 13.07 -18.45 3.24
C VAL E 162 14.41 -18.45 3.99
N THR E 163 14.68 -19.57 4.67
CA THR E 163 15.98 -19.72 5.31
C THR E 163 17.03 -20.11 4.28
N GLU E 164 18.29 -19.87 4.61
CA GLU E 164 19.35 -20.50 3.83
C GLU E 164 19.41 -21.98 4.17
N GLN E 165 20.06 -22.73 3.29
CA GLN E 165 20.11 -24.18 3.44
C GLN E 165 20.62 -24.57 4.83
N ASP E 166 19.88 -25.46 5.48
CA ASP E 166 20.27 -25.96 6.79
C ASP E 166 21.68 -26.55 6.71
N SER E 167 22.47 -26.33 7.76
CA SER E 167 23.84 -26.82 7.73
C SER E 167 23.92 -28.33 7.84
N LYS E 168 23.01 -28.95 8.58
CA LYS E 168 23.10 -30.40 8.81
C LYS E 168 22.45 -31.19 7.67
N ASP E 169 21.23 -30.83 7.27
CA ASP E 169 20.49 -31.64 6.31
C ASP E 169 20.29 -30.97 4.95
N SER E 170 20.79 -29.74 4.75
CA SER E 170 20.77 -29.06 3.46
C SER E 170 19.37 -28.73 2.97
N THR E 171 18.34 -28.78 3.83
CA THR E 171 16.99 -28.44 3.40
C THR E 171 16.74 -26.94 3.54
N TYR E 172 15.59 -26.51 3.01
CA TYR E 172 15.09 -25.15 3.16
C TYR E 172 13.84 -25.16 4.02
N SER E 173 13.52 -24.00 4.59
CA SER E 173 12.24 -23.78 5.25
C SER E 173 11.70 -22.42 4.81
N LEU E 174 10.39 -22.33 4.72
CA LEU E 174 9.77 -21.15 4.14
C LEU E 174 8.52 -20.80 4.93
N SER E 175 8.33 -19.50 5.14
CA SER E 175 7.13 -18.98 5.77
C SER E 175 6.42 -18.05 4.80
N SER E 176 5.10 -18.19 4.71
CA SER E 176 4.26 -17.26 3.98
C SER E 176 3.27 -16.64 4.96
N THR E 177 3.21 -15.32 4.99
CA THR E 177 2.39 -14.61 5.96
C THR E 177 1.35 -13.78 5.23
N LEU E 178 0.08 -14.11 5.44
CA LEU E 178 -1.05 -13.36 4.92
C LEU E 178 -1.46 -12.28 5.93
N THR E 179 -1.52 -11.03 5.47
CA THR E 179 -1.86 -9.90 6.33
C THR E 179 -3.24 -9.38 5.96
N LEU E 180 -4.16 -9.36 6.91
CA LEU E 180 -5.50 -8.84 6.71
C LEU E 180 -5.85 -7.90 7.86
N SER E 181 -6.75 -6.97 7.58
CA SER E 181 -7.35 -6.22 8.67
C SER E 181 -8.25 -7.15 9.48
N LYS E 182 -8.45 -6.80 10.75
CA LYS E 182 -9.32 -7.62 11.60
C LYS E 182 -10.73 -7.70 11.03
N ALA E 183 -11.25 -6.59 10.52
CA ALA E 183 -12.58 -6.61 9.92
C ALA E 183 -12.65 -7.58 8.76
N ASP E 184 -11.63 -7.58 7.90
CA ASP E 184 -11.60 -8.53 6.78
C ASP E 184 -11.48 -9.96 7.27
N TYR E 185 -10.60 -10.19 8.26
CA TYR E 185 -10.45 -11.54 8.80
C TYR E 185 -11.77 -12.08 9.31
N GLU E 186 -12.54 -11.25 10.01
CA GLU E 186 -13.80 -11.68 10.62
C GLU E 186 -14.96 -11.75 9.65
N LYS E 187 -14.77 -11.37 8.39
CA LYS E 187 -15.81 -11.49 7.38
C LYS E 187 -15.78 -12.82 6.65
N HIS E 188 -14.80 -13.67 6.91
CA HIS E 188 -14.63 -14.91 6.16
C HIS E 188 -14.37 -16.06 7.11
N LYS E 189 -14.62 -17.27 6.61
CA LYS E 189 -14.57 -18.49 7.41
C LYS E 189 -13.40 -19.39 7.06
N VAL E 190 -13.24 -19.71 5.78
CA VAL E 190 -12.27 -20.73 5.35
C VAL E 190 -10.96 -20.05 4.96
N TYR E 191 -9.88 -20.42 5.65
CA TYR E 191 -8.55 -19.90 5.39
C TYR E 191 -7.66 -21.09 5.04
N ALA E 192 -7.08 -21.06 3.83
CA ALA E 192 -6.35 -22.21 3.31
C ALA E 192 -5.02 -21.76 2.74
N CYS E 193 -4.01 -22.59 2.96
CA CYS E 193 -2.69 -22.44 2.33
C CYS E 193 -2.45 -23.67 1.47
N GLU E 194 -2.21 -23.47 0.17
CA GLU E 194 -2.02 -24.54 -0.79
C GLU E 194 -0.59 -24.52 -1.30
N VAL E 195 0.09 -25.66 -1.21
CA VAL E 195 1.53 -25.75 -1.43
C VAL E 195 1.80 -26.69 -2.59
N THR E 196 2.60 -26.23 -3.55
CA THR E 196 3.03 -27.01 -4.70
C THR E 196 4.53 -27.19 -4.65
N HIS E 197 4.98 -28.44 -4.78
CA HIS E 197 6.41 -28.74 -4.65
C HIS E 197 6.70 -30.06 -5.36
N GLN E 198 7.88 -30.15 -5.97
CA GLN E 198 8.30 -31.36 -6.68
C GLN E 198 8.12 -32.62 -5.85
N GLY E 199 8.38 -32.54 -4.56
CA GLY E 199 8.26 -33.68 -3.68
C GLY E 199 6.84 -34.11 -3.37
N LEU E 200 5.84 -33.36 -3.85
CA LEU E 200 4.43 -33.69 -3.65
C LEU E 200 3.81 -34.10 -4.97
N SER E 201 3.17 -35.27 -4.99
CA SER E 201 2.52 -35.74 -6.20
C SER E 201 1.27 -34.93 -6.53
N SER E 202 0.77 -34.17 -5.57
CA SER E 202 -0.45 -33.41 -5.70
C SER E 202 -0.29 -32.25 -4.73
N PRO E 203 -0.77 -31.06 -5.07
CA PRO E 203 -0.66 -29.93 -4.14
C PRO E 203 -1.31 -30.24 -2.81
N VAL E 204 -0.67 -29.81 -1.73
CA VAL E 204 -1.13 -30.06 -0.36
C VAL E 204 -1.77 -28.79 0.18
N THR E 205 -2.97 -28.93 0.75
CA THR E 205 -3.70 -27.81 1.33
C THR E 205 -3.83 -28.04 2.83
N LYS E 206 -3.47 -27.02 3.60
CA LYS E 206 -3.76 -26.98 5.03
C LYS E 206 -4.71 -25.82 5.27
N SER E 207 -5.76 -26.07 6.07
CA SER E 207 -6.78 -25.05 6.23
C SER E 207 -7.35 -25.10 7.64
N PHE E 208 -8.01 -24.01 8.02
CA PHE E 208 -8.80 -23.95 9.23
C PHE E 208 -10.04 -23.12 8.96
N ASN E 209 -11.04 -23.29 9.83
CA ASN E 209 -12.23 -22.44 9.84
C ASN E 209 -12.11 -21.46 11.00
N ARG E 210 -12.33 -20.18 10.73
CA ARG E 210 -12.22 -19.16 11.77
C ARG E 210 -13.21 -19.40 12.91
N ASN F 1 39.02 8.21 -20.43
CA ASN F 1 38.85 6.74 -20.26
C ASN F 1 38.75 6.39 -18.77
N PRO F 2 37.55 6.04 -18.26
CA PRO F 2 37.38 5.70 -16.83
C PRO F 2 38.11 4.42 -16.41
N ASN F 3 38.41 3.52 -17.36
CA ASN F 3 39.05 2.21 -17.08
C ASN F 3 40.58 2.32 -17.07
N ALA F 4 41.12 3.53 -17.24
CA ALA F 4 42.59 3.73 -17.16
C ALA F 4 43.06 3.43 -15.73
N ASN F 5 44.27 2.87 -15.59
CA ASN F 5 44.84 2.54 -14.30
C ASN F 5 44.76 3.74 -13.34
N PRO F 6 44.20 3.58 -12.17
CA PRO F 6 44.01 4.72 -11.23
C PRO F 6 45.04 4.82 -10.12
N ASN F 7 46.13 4.06 -10.21
CA ASN F 7 47.14 4.04 -9.14
C ASN F 7 48.37 4.87 -9.50
N ALA F 8 49.26 5.05 -8.54
CA ALA F 8 50.53 5.79 -8.73
C ALA F 8 51.50 4.91 -9.53
N ASN F 9 52.48 5.52 -10.20
CA ASN F 9 53.45 4.74 -11.01
C ASN F 9 54.87 5.23 -10.72
#